data_8PQQ
#
_entry.id   8PQQ
#
_cell.length_a   136.100
_cell.length_b   136.100
_cell.length_c   87.440
_cell.angle_alpha   90.00
_cell.angle_beta   90.00
_cell.angle_gamma   120.00
#
_symmetry.space_group_name_H-M   'P 63'
#
loop_
_entity.id
_entity.type
_entity.pdbx_description
1 polymer 'Nucleoside 2-deoxyribosyltransferase'
2 polymer 'Nucleoside 2-deoxyribosyltransferase'
3 non-polymer '2-CHLORO-9-(2-DEOXY-2-FLUORO-B -D-ARABINOFURANOSYL)-9H-PURIN-6-AMINE'
4 non-polymer 'MAGNESIUM ION'
5 water water
#
loop_
_entity_poly.entity_id
_entity_poly.type
_entity_poly.pdbx_seq_one_letter_code
_entity_poly.pdbx_strand_id
1 'polypeptide(L)'
;MKRKIIYLASPYGFSQQQKTLLLPPIVRALEALGIEVWEPFARNNQIDFSQADWAYRVAQADLQDVKNCDGIFAVVNGTP
PDEGVMVQLGMAIALNKAIFLFRDDFRRCSDNERYPLNLMLFAGLPEIGWENYYYTSVDEIQSHDKALYKWLTGM
;
A,B,D
2 'polypeptide(L)'
;MKRKIIYLASPYGFSQQQKTLLLPPIVRALEALGIEVWEPFARNNQIDFSQADWAYRVAQADLQDVKNCDGIFAVVNGTP
PDEGVMVQLGMAIALNKAIFLFRDDFRRCSDNERYPLNLMLFAGLPEIGWENYYYTSVDEIQSHDKALYKWLTG
;
C
#
loop_
_chem_comp.id
_chem_comp.type
_chem_comp.name
_chem_comp.formula
CFB non-polymer '2-CHLORO-9-(2-DEOXY-2-FLUORO-B -D-ARABINOFURANOSYL)-9H-PURIN-6-AMINE' 'C10 H11 Cl F N5 O3'
MG non-polymer 'MAGNESIUM ION' 'Mg 2'
#
# COMPACT_ATOMS: atom_id res chain seq x y z
N MET A 1 -35.13 6.36 23.92
CA MET A 1 -34.89 5.47 22.75
C MET A 1 -33.39 5.26 22.60
N LYS A 2 -32.97 4.11 22.07
CA LYS A 2 -31.54 3.79 22.00
C LYS A 2 -30.87 4.63 20.91
N ARG A 3 -29.69 5.17 21.21
CA ARG A 3 -28.93 5.99 20.24
C ARG A 3 -28.43 5.11 19.09
N LYS A 4 -28.42 5.67 17.89
CA LYS A 4 -27.84 4.94 16.78
C LYS A 4 -26.35 4.73 17.02
N ILE A 5 -25.87 3.55 16.70
CA ILE A 5 -24.49 3.15 16.95
C ILE A 5 -23.71 3.19 15.64
N ILE A 6 -22.60 3.93 15.63
CA ILE A 6 -21.69 4.00 14.49
C ILE A 6 -20.37 3.34 14.88
N TYR A 7 -19.92 2.40 14.06
CA TYR A 7 -18.62 1.78 14.20
C TYR A 7 -17.60 2.61 13.42
N LEU A 8 -16.63 3.20 14.12
CA LEU A 8 -15.66 4.10 13.49
C LEU A 8 -14.43 3.28 13.11
N ALA A 9 -14.39 2.84 11.85
CA ALA A 9 -13.33 1.97 11.37
C ALA A 9 -12.20 2.81 10.77
N SER A 10 -10.96 2.60 11.24
CA SER A 10 -9.85 3.45 10.82
C SER A 10 -8.55 2.67 11.01
N PRO A 11 -7.49 3.04 10.29
CA PRO A 11 -6.13 2.58 10.63
C PRO A 11 -5.42 3.46 11.65
N TYR A 12 -6.10 4.43 12.22
CA TYR A 12 -5.42 5.46 13.00
C TYR A 12 -4.89 4.92 14.33
N GLY A 13 -5.37 3.78 14.80
CA GLY A 13 -4.81 3.25 16.03
C GLY A 13 -3.45 2.61 15.89
N PHE A 14 -2.93 2.44 14.66
CA PHE A 14 -1.61 1.81 14.49
C PHE A 14 -0.48 2.81 14.69
N SER A 15 -0.75 4.11 14.64
CA SER A 15 0.27 5.14 14.84
C SER A 15 -0.05 5.89 16.12
N GLN A 16 0.93 5.97 17.01
CA GLN A 16 0.70 6.60 18.30
C GLN A 16 0.22 8.04 18.14
N GLN A 17 0.84 8.80 17.22
CA GLN A 17 0.43 10.19 17.03
C GLN A 17 -0.93 10.27 16.34
N GLN A 18 -1.19 9.36 15.40
CA GLN A 18 -2.49 9.36 14.72
C GLN A 18 -3.63 9.00 15.66
N LYS A 19 -3.43 7.99 16.52
CA LYS A 19 -4.46 7.60 17.48
C LYS A 19 -4.80 8.75 18.43
N THR A 20 -3.79 9.48 18.88
CA THR A 20 -3.98 10.52 19.88
C THR A 20 -4.65 11.75 19.29
N LEU A 21 -4.27 12.13 18.07
CA LEU A 21 -4.63 13.42 17.51
C LEU A 21 -5.71 13.35 16.43
N LEU A 22 -5.78 12.28 15.63
CA LEU A 22 -6.76 12.27 14.56
C LEU A 22 -8.10 11.69 14.98
N LEU A 23 -8.12 10.68 15.87
CA LEU A 23 -9.40 10.04 16.19
C LEU A 23 -10.31 10.90 17.05
N PRO A 24 -9.85 11.53 18.15
CA PRO A 24 -10.80 12.28 19.03
C PRO A 24 -11.65 13.28 18.25
N PRO A 25 -11.08 14.10 17.35
CA PRO A 25 -11.94 15.06 16.62
C PRO A 25 -13.03 14.39 15.81
N ILE A 26 -12.78 13.22 15.25
CA ILE A 26 -13.82 12.54 14.49
C ILE A 26 -14.87 11.97 15.42
N VAL A 27 -14.42 11.37 16.54
CA VAL A 27 -15.37 10.89 17.55
C VAL A 27 -16.29 12.02 17.99
N ARG A 28 -15.72 13.20 18.25
CA ARG A 28 -16.54 14.33 18.65
C ARG A 28 -17.51 14.75 17.54
N ALA A 29 -17.04 14.77 16.29
CA ALA A 29 -17.96 15.17 15.23
C ALA A 29 -19.17 14.25 15.19
N LEU A 30 -18.93 12.95 15.34
CA LEU A 30 -20.03 11.99 15.33
C LEU A 30 -20.91 12.10 16.59
N GLU A 31 -20.30 12.24 17.77
CA GLU A 31 -21.11 12.32 18.98
C GLU A 31 -22.00 13.55 18.99
N ALA A 32 -21.55 14.66 18.39
CA ALA A 32 -22.34 15.89 18.38
C ALA A 32 -23.64 15.74 17.58
N LEU A 33 -23.76 14.69 16.77
CA LEU A 33 -25.01 14.34 16.13
C LEU A 33 -25.87 13.41 16.98
N GLY A 34 -25.45 13.10 18.21
CA GLY A 34 -26.19 12.19 19.07
C GLY A 34 -25.89 10.73 18.86
N ILE A 35 -24.80 10.43 18.14
CA ILE A 35 -24.42 9.05 17.82
C ILE A 35 -23.63 8.46 18.98
N GLU A 36 -23.85 7.17 19.29
CA GLU A 36 -22.95 6.39 20.15
C GLU A 36 -21.84 5.80 19.29
N VAL A 37 -20.60 6.21 19.55
CA VAL A 37 -19.46 5.87 18.69
C VAL A 37 -18.75 4.66 19.26
N TRP A 38 -18.65 3.60 18.45
CA TRP A 38 -17.86 2.42 18.76
C TRP A 38 -16.55 2.51 17.99
N GLU A 39 -15.47 2.83 18.69
CA GLU A 39 -14.14 2.99 18.11
C GLU A 39 -13.27 1.79 18.54
N PRO A 40 -12.87 0.92 17.61
CA PRO A 40 -12.31 -0.39 18.03
C PRO A 40 -11.04 -0.32 18.88
N PHE A 41 -10.10 0.58 18.56
CA PHE A 41 -8.87 0.61 19.37
C PHE A 41 -9.18 0.95 20.82
N ALA A 42 -10.12 1.86 21.07
CA ALA A 42 -10.48 2.11 22.46
C ALA A 42 -11.30 0.96 23.01
N ARG A 43 -12.21 0.40 22.22
CA ARG A 43 -13.07 -0.64 22.79
C ARG A 43 -12.30 -1.90 23.14
N ASN A 44 -11.12 -2.13 22.56
CA ASN A 44 -10.36 -3.31 22.90
C ASN A 44 -9.10 -3.00 23.72
N ASN A 45 -8.96 -1.79 24.27
CA ASN A 45 -7.77 -1.46 25.07
C ASN A 45 -7.67 -2.26 26.38
N GLN A 46 -8.73 -2.97 26.80
CA GLN A 46 -8.71 -3.71 28.05
C GLN A 46 -8.42 -5.19 27.85
N ILE A 47 -8.17 -5.62 26.60
CA ILE A 47 -7.78 -6.99 26.33
C ILE A 47 -6.34 -7.21 26.80
N ASP A 48 -6.05 -8.41 27.31
CA ASP A 48 -4.71 -8.73 27.80
C ASP A 48 -3.83 -9.04 26.60
N PHE A 49 -3.06 -8.05 26.16
CA PHE A 49 -2.19 -8.14 24.99
C PHE A 49 -0.87 -8.87 25.27
N SER A 50 -0.64 -9.32 26.51
CA SER A 50 0.47 -10.21 26.79
C SER A 50 0.22 -11.66 26.34
N GLN A 51 -1.04 -12.03 26.13
CA GLN A 51 -1.38 -13.41 25.74
C GLN A 51 -1.39 -13.53 24.22
N ALA A 52 -1.05 -14.73 23.74
CA ALA A 52 -0.86 -14.93 22.30
C ALA A 52 -2.19 -14.87 21.56
N ASP A 53 -3.28 -15.26 22.21
CA ASP A 53 -4.59 -15.32 21.60
C ASP A 53 -5.29 -13.96 21.53
N TRP A 54 -4.60 -12.85 21.85
CA TRP A 54 -5.28 -11.56 21.79
C TRP A 54 -5.72 -11.23 20.38
N ALA A 55 -4.93 -11.63 19.37
CA ALA A 55 -5.25 -11.26 18.00
C ALA A 55 -6.56 -11.88 17.59
N TYR A 56 -6.78 -13.15 17.97
CA TYR A 56 -8.06 -13.78 17.69
C TYR A 56 -9.19 -13.11 18.47
N ARG A 57 -8.94 -12.72 19.72
CA ARG A 57 -10.02 -12.14 20.52
C ARG A 57 -10.43 -10.77 19.98
N VAL A 58 -9.45 -9.99 19.49
CA VAL A 58 -9.75 -8.71 18.88
C VAL A 58 -10.52 -8.89 17.59
N ALA A 59 -10.17 -9.91 16.81
CA ALA A 59 -10.87 -10.14 15.56
C ALA A 59 -12.33 -10.48 15.80
N GLN A 60 -12.60 -11.32 16.80
CA GLN A 60 -13.98 -11.71 17.08
C GLN A 60 -14.77 -10.54 17.65
N ALA A 61 -14.15 -9.75 18.51
CA ALA A 61 -14.83 -8.57 19.05
C ALA A 61 -15.15 -7.57 17.95
N ASP A 62 -14.19 -7.31 17.04
CA ASP A 62 -14.44 -6.41 15.91
C ASP A 62 -15.56 -6.95 15.04
N LEU A 63 -15.56 -8.26 14.80
CA LEU A 63 -16.62 -8.87 14.00
C LEU A 63 -17.97 -8.69 14.68
N GLN A 64 -18.04 -8.95 15.98
CA GLN A 64 -19.28 -8.80 16.71
C GLN A 64 -19.74 -7.34 16.74
N ASP A 65 -18.78 -6.41 16.91
CA ASP A 65 -19.15 -5.00 16.93
C ASP A 65 -19.79 -4.59 15.61
N VAL A 66 -19.25 -5.07 14.49
CA VAL A 66 -19.85 -4.74 13.20
C VAL A 66 -21.23 -5.36 13.07
N LYS A 67 -21.43 -6.57 13.61
CA LYS A 67 -22.75 -7.20 13.54
C LYS A 67 -23.79 -6.42 14.34
N ASN A 68 -23.36 -5.71 15.39
CA ASN A 68 -24.30 -5.09 16.31
C ASN A 68 -24.45 -3.59 16.18
N CYS A 69 -23.52 -2.91 15.50
CA CYS A 69 -23.68 -1.52 15.07
C CYS A 69 -24.91 -1.35 14.16
N ASP A 70 -25.37 -0.09 14.04
CA ASP A 70 -26.33 0.26 12.99
C ASP A 70 -25.68 0.72 11.70
N GLY A 71 -24.55 1.40 11.77
CA GLY A 71 -23.84 1.82 10.57
C GLY A 71 -22.35 1.77 10.82
N ILE A 72 -21.58 1.82 9.73
CA ILE A 72 -20.13 1.94 9.76
C ILE A 72 -19.74 3.29 9.18
N PHE A 73 -18.75 3.93 9.81
CA PHE A 73 -18.11 5.15 9.32
C PHE A 73 -16.65 4.77 9.05
N ALA A 74 -16.32 4.56 7.78
CA ALA A 74 -15.05 3.95 7.38
C ALA A 74 -14.06 5.01 6.91
N VAL A 75 -12.96 5.17 7.65
CA VAL A 75 -11.87 6.04 7.24
C VAL A 75 -11.07 5.31 6.17
N VAL A 76 -11.16 5.80 4.93
CA VAL A 76 -10.57 5.10 3.80
C VAL A 76 -9.49 5.98 3.19
N ASN A 77 -8.79 6.74 4.05
CA ASN A 77 -7.57 7.43 3.67
C ASN A 77 -6.48 6.39 3.37
N GLY A 78 -5.44 6.85 2.68
CA GLY A 78 -4.29 6.02 2.35
C GLY A 78 -4.38 5.44 0.93
N THR A 79 -3.23 5.01 0.41
CA THR A 79 -3.18 4.30 -0.87
C THR A 79 -2.48 2.97 -0.66
N PRO A 80 -3.22 1.86 -0.63
CA PRO A 80 -4.67 1.83 -0.74
C PRO A 80 -5.29 2.00 0.66
N PRO A 81 -6.61 2.02 0.76
CA PRO A 81 -7.23 2.01 2.10
C PRO A 81 -6.81 0.80 2.92
N ASP A 82 -6.89 0.96 4.24
CA ASP A 82 -6.45 -0.08 5.16
C ASP A 82 -7.22 -1.38 4.97
N GLU A 83 -6.49 -2.49 5.01
CA GLU A 83 -7.09 -3.79 4.68
C GLU A 83 -8.08 -4.25 5.76
N GLY A 84 -7.82 -3.95 7.03
CA GLY A 84 -8.78 -4.31 8.05
C GLY A 84 -10.05 -3.50 7.96
N VAL A 85 -9.92 -2.19 7.69
CA VAL A 85 -11.10 -1.37 7.42
C VAL A 85 -11.89 -1.97 6.26
N MET A 86 -11.18 -2.41 5.21
CA MET A 86 -11.87 -2.96 4.05
C MET A 86 -12.63 -4.23 4.38
N VAL A 87 -12.05 -5.11 5.20
CA VAL A 87 -12.77 -6.32 5.60
C VAL A 87 -14.00 -5.94 6.41
N GLN A 88 -13.85 -4.96 7.29
CA GLN A 88 -14.98 -4.54 8.12
C GLN A 88 -16.05 -3.87 7.28
N LEU A 89 -15.64 -3.08 6.27
CA LEU A 89 -16.62 -2.50 5.36
C LEU A 89 -17.37 -3.59 4.59
N GLY A 90 -16.66 -4.62 4.14
CA GLY A 90 -17.32 -5.72 3.43
C GLY A 90 -18.34 -6.44 4.30
N MET A 91 -17.97 -6.70 5.55
CA MET A 91 -18.93 -7.25 6.52
C MET A 91 -20.15 -6.35 6.60
N ALA A 92 -19.94 -5.04 6.75
CA ALA A 92 -21.05 -4.13 6.95
C ALA A 92 -21.99 -4.13 5.73
N ILE A 93 -21.42 -4.16 4.52
CA ILE A 93 -22.25 -4.19 3.33
C ILE A 93 -23.11 -5.46 3.29
N ALA A 94 -22.48 -6.62 3.52
CA ALA A 94 -23.22 -7.88 3.42
C ALA A 94 -24.31 -7.96 4.49
N LEU A 95 -24.14 -7.27 5.60
CA LEU A 95 -25.10 -7.31 6.69
C LEU A 95 -26.11 -6.18 6.63
N ASN A 96 -26.14 -5.41 5.53
CA ASN A 96 -27.13 -4.36 5.29
C ASN A 96 -27.09 -3.25 6.35
N LYS A 97 -25.91 -2.99 6.91
CA LYS A 97 -25.75 -1.83 7.76
C LYS A 97 -25.70 -0.56 6.91
N ALA A 98 -26.01 0.57 7.54
CA ALA A 98 -25.76 1.85 6.89
C ALA A 98 -24.26 2.01 6.64
N ILE A 99 -23.90 2.62 5.51
CA ILE A 99 -22.51 2.73 5.06
C ILE A 99 -22.19 4.20 4.85
N PHE A 100 -21.08 4.65 5.44
CA PHE A 100 -20.59 6.01 5.25
C PHE A 100 -19.08 5.96 5.06
N LEU A 101 -18.56 6.71 4.08
CA LEU A 101 -17.13 6.71 3.78
C LEU A 101 -16.53 8.07 4.06
N PHE A 102 -15.30 8.07 4.56
CA PHE A 102 -14.60 9.30 4.89
C PHE A 102 -13.21 9.23 4.26
N ARG A 103 -12.88 10.27 3.49
CA ARG A 103 -11.56 10.36 2.87
C ARG A 103 -11.24 11.84 2.68
N ASP A 104 -10.35 12.40 3.50
CA ASP A 104 -9.87 13.77 3.27
C ASP A 104 -8.49 13.78 2.63
N ASP A 105 -8.06 12.63 2.11
CA ASP A 105 -6.85 12.48 1.31
C ASP A 105 -7.18 12.91 -0.12
N PHE A 106 -6.43 13.86 -0.68
CA PHE A 106 -6.83 14.36 -1.98
C PHE A 106 -6.32 13.52 -3.14
N ARG A 107 -5.52 12.49 -2.88
CA ARG A 107 -5.05 11.64 -3.97
C ARG A 107 -6.16 10.73 -4.46
N ARG A 108 -6.28 10.63 -5.78
CA ARG A 108 -7.23 9.72 -6.42
C ARG A 108 -6.49 8.45 -6.84
N CYS A 109 -7.11 7.30 -6.60
CA CYS A 109 -6.42 6.04 -6.83
C CYS A 109 -7.45 4.95 -7.10
N SER A 110 -7.64 4.61 -8.38
CA SER A 110 -8.78 3.77 -8.71
C SER A 110 -8.61 3.25 -10.13
N ASP A 111 -9.50 2.33 -10.50
CA ASP A 111 -9.49 1.72 -11.82
C ASP A 111 -10.61 2.24 -12.70
N ASN A 112 -11.32 3.27 -12.24
CA ASN A 112 -12.49 3.71 -12.97
C ASN A 112 -12.68 5.21 -12.88
N GLU A 113 -13.49 5.70 -13.81
CA GLU A 113 -13.94 7.07 -13.99
C GLU A 113 -14.94 7.54 -12.95
N ARG A 114 -15.84 6.64 -12.51
CA ARG A 114 -16.96 7.03 -11.66
C ARG A 114 -16.51 7.31 -10.22
N TYR A 115 -15.67 6.46 -9.66
CA TYR A 115 -15.34 6.49 -8.25
C TYR A 115 -13.88 6.87 -8.00
N PRO A 116 -13.59 7.60 -6.91
CA PRO A 116 -12.19 7.95 -6.61
C PRO A 116 -11.37 6.81 -6.03
N LEU A 117 -11.99 5.68 -5.66
CA LEU A 117 -11.31 4.49 -5.14
C LEU A 117 -11.80 3.26 -5.88
N ASN A 118 -11.20 2.11 -5.56
CA ASN A 118 -11.69 0.83 -6.04
C ASN A 118 -13.21 0.72 -5.94
N LEU A 119 -13.84 0.29 -7.03
CA LEU A 119 -15.31 0.27 -7.11
C LEU A 119 -15.96 -0.64 -6.08
N MET A 120 -15.25 -1.62 -5.52
CA MET A 120 -15.87 -2.49 -4.53
C MET A 120 -16.28 -1.73 -3.28
N LEU A 121 -15.55 -0.66 -2.95
CA LEU A 121 -15.87 0.11 -1.75
C LEU A 121 -17.26 0.73 -1.83
N PHE A 122 -17.82 0.85 -3.02
CA PHE A 122 -19.08 1.56 -3.19
C PHE A 122 -20.22 0.62 -3.47
N ALA A 123 -19.97 -0.69 -3.41
CA ALA A 123 -20.97 -1.68 -3.79
C ALA A 123 -22.20 -1.60 -2.90
N GLY A 124 -22.05 -1.12 -1.66
CA GLY A 124 -23.16 -0.97 -0.74
C GLY A 124 -23.84 0.36 -0.80
N LEU A 125 -23.46 1.21 -1.72
CA LEU A 125 -24.06 2.51 -1.87
C LEU A 125 -24.87 2.57 -3.16
N PRO A 126 -25.88 3.44 -3.24
CA PRO A 126 -26.70 3.50 -4.46
C PRO A 126 -25.89 3.93 -5.67
N GLU A 127 -26.42 3.61 -6.86
CA GLU A 127 -25.74 4.01 -8.09
C GLU A 127 -25.71 5.52 -8.23
N ILE A 128 -26.80 6.19 -7.91
CA ILE A 128 -26.92 7.64 -8.03
C ILE A 128 -26.98 8.25 -6.63
N GLY A 129 -26.21 9.32 -6.41
CA GLY A 129 -26.19 9.98 -5.11
C GLY A 129 -25.28 9.35 -4.08
N TRP A 130 -24.38 8.44 -4.48
CA TRP A 130 -23.43 7.86 -3.54
C TRP A 130 -22.54 8.92 -2.91
N GLU A 131 -22.31 10.04 -3.62
CA GLU A 131 -21.46 11.10 -3.07
C GLU A 131 -22.05 11.66 -1.78
N ASN A 132 -23.37 11.56 -1.62
CA ASN A 132 -24.00 12.01 -0.39
C ASN A 132 -23.52 11.23 0.83
N TYR A 133 -22.99 10.02 0.63
CA TYR A 133 -22.47 9.17 1.71
C TYR A 133 -20.95 9.28 1.87
N TYR A 134 -20.30 10.11 1.07
CA TYR A 134 -18.85 10.17 0.95
C TYR A 134 -18.40 11.53 1.47
N TYR A 135 -17.67 11.52 2.58
CA TYR A 135 -17.26 12.74 3.27
C TYR A 135 -15.78 13.00 3.03
N THR A 136 -15.43 14.25 2.72
CA THR A 136 -14.07 14.60 2.35
C THR A 136 -13.41 15.55 3.33
N SER A 137 -14.07 15.85 4.45
CA SER A 137 -13.45 16.62 5.52
C SER A 137 -14.23 16.39 6.80
N VAL A 138 -13.54 16.59 7.93
CA VAL A 138 -14.18 16.43 9.25
C VAL A 138 -15.34 17.41 9.38
N ASP A 139 -15.19 18.60 8.80
CA ASP A 139 -16.21 19.63 8.91
C ASP A 139 -17.48 19.27 8.16
N GLU A 140 -17.40 18.42 7.15
CA GLU A 140 -18.56 18.04 6.38
C GLU A 140 -19.44 17.04 7.12
N ILE A 141 -18.91 16.39 8.15
CA ILE A 141 -19.62 15.28 8.80
C ILE A 141 -20.99 15.73 9.30
N GLN A 142 -21.06 16.91 9.89
CA GLN A 142 -22.29 17.42 10.45
C GLN A 142 -23.27 18.00 9.42
N SER A 143 -22.94 17.93 8.13
CA SER A 143 -23.75 18.67 7.16
C SER A 143 -25.15 18.09 7.14
N HIS A 144 -26.16 18.98 7.30
CA HIS A 144 -27.54 18.55 7.27
C HIS A 144 -27.95 18.06 5.88
N ASP A 145 -27.12 18.26 4.86
CA ASP A 145 -27.44 17.87 3.50
C ASP A 145 -26.85 16.53 3.09
N LYS A 146 -26.06 15.90 3.95
CA LYS A 146 -25.39 14.67 3.60
C LYS A 146 -26.08 13.50 4.31
N ALA A 147 -25.68 12.29 3.94
CA ALA A 147 -26.50 11.11 4.24
C ALA A 147 -26.52 10.76 5.73
N LEU A 148 -25.43 11.01 6.47
CA LEU A 148 -25.44 10.68 7.89
C LEU A 148 -26.52 11.44 8.63
N TYR A 149 -26.58 12.76 8.43
CA TYR A 149 -27.61 13.54 9.14
C TYR A 149 -29.01 13.06 8.75
N LYS A 150 -29.26 12.85 7.46
CA LYS A 150 -30.59 12.41 7.02
C LYS A 150 -30.93 11.04 7.59
N TRP A 151 -29.95 10.15 7.67
CA TRP A 151 -30.20 8.82 8.21
C TRP A 151 -30.58 8.87 9.68
N LEU A 152 -29.97 9.78 10.45
CA LEU A 152 -30.31 9.88 11.87
C LEU A 152 -31.72 10.42 12.04
N THR A 153 -32.10 11.40 11.23
CA THR A 153 -33.36 12.09 11.37
C THR A 153 -34.46 11.53 10.47
N GLY A 154 -34.48 10.22 10.25
CA GLY A 154 -35.47 9.59 9.41
C GLY A 154 -35.50 10.03 7.95
N MET B 1 24.89 29.64 15.56
CA MET B 1 25.70 29.15 14.41
C MET B 1 24.76 28.78 13.25
N LYS B 2 25.32 28.53 12.06
CA LYS B 2 24.48 28.16 10.91
C LYS B 2 23.68 26.93 11.31
N ARG B 3 22.37 27.07 11.41
CA ARG B 3 21.49 25.94 11.74
C ARG B 3 21.59 24.84 10.69
N LYS B 4 21.63 23.58 11.13
CA LYS B 4 21.59 22.48 10.18
C LYS B 4 20.22 22.43 9.52
N ILE B 5 20.20 22.08 8.23
CA ILE B 5 18.96 22.05 7.43
C ILE B 5 18.48 20.61 7.32
N ILE B 6 17.26 20.34 7.77
CA ILE B 6 16.62 19.02 7.67
C ILE B 6 15.46 19.10 6.69
N TYR B 7 15.42 18.20 5.72
CA TYR B 7 14.28 18.05 4.82
C TYR B 7 13.29 17.07 5.46
N LEU B 8 12.08 17.53 5.80
CA LEU B 8 11.12 16.69 6.53
C LEU B 8 10.17 16.04 5.52
N ALA B 9 10.49 14.80 5.16
CA ALA B 9 9.75 14.06 4.16
C ALA B 9 8.65 13.23 4.82
N SER B 10 7.42 13.39 4.34
CA SER B 10 6.26 12.76 4.96
C SER B 10 5.14 12.67 3.92
N PRO B 11 4.21 11.71 4.10
CA PRO B 11 2.94 11.74 3.35
C PRO B 11 1.85 12.54 4.03
N TYR B 12 2.17 13.24 5.12
CA TYR B 12 1.14 13.84 5.95
C TYR B 12 0.46 15.04 5.30
N GLY B 13 1.02 15.61 4.22
CA GLY B 13 0.34 16.68 3.52
C GLY B 13 -0.80 16.26 2.59
N PHE B 14 -1.00 14.96 2.35
CA PHE B 14 -2.07 14.53 1.44
C PHE B 14 -3.43 14.53 2.10
N SER B 15 -3.48 14.56 3.42
CA SER B 15 -4.72 14.54 4.20
C SER B 15 -4.87 15.87 4.94
N GLN B 16 -6.06 16.48 4.78
CA GLN B 16 -6.44 17.74 5.44
C GLN B 16 -6.01 17.71 6.91
N GLN B 17 -6.49 16.68 7.60
CA GLN B 17 -6.34 16.57 9.04
C GLN B 17 -4.92 16.24 9.41
N GLN B 18 -4.26 15.36 8.64
CA GLN B 18 -2.88 15.02 8.99
C GLN B 18 -1.95 16.21 8.81
N LYS B 19 -2.13 16.96 7.72
CA LYS B 19 -1.31 18.16 7.48
C LYS B 19 -1.47 19.14 8.62
N THR B 20 -2.71 19.31 9.08
CA THR B 20 -3.01 20.30 10.11
C THR B 20 -2.53 19.85 11.49
N LEU B 21 -2.69 18.56 11.81
CA LEU B 21 -2.50 18.10 13.19
C LEU B 21 -1.22 17.31 13.44
N LEU B 22 -0.73 16.53 12.46
CA LEU B 22 0.48 15.71 12.68
C LEU B 22 1.78 16.44 12.38
N LEU B 23 1.83 17.30 11.35
CA LEU B 23 3.12 17.90 11.00
C LEU B 23 3.57 18.95 12.01
N PRO B 24 2.73 19.88 12.47
CA PRO B 24 3.24 20.94 13.36
C PRO B 24 3.99 20.38 14.56
N PRO B 25 3.47 19.37 15.28
CA PRO B 25 4.27 18.84 16.41
C PRO B 25 5.65 18.32 16.00
N ILE B 26 5.78 17.74 14.80
CA ILE B 26 7.08 17.20 14.41
C ILE B 26 8.03 18.34 14.06
N VAL B 27 7.53 19.33 13.31
CA VAL B 27 8.32 20.53 13.03
C VAL B 27 8.79 21.18 14.33
N ARG B 28 7.90 21.29 15.33
CA ARG B 28 8.25 21.92 16.60
C ARG B 28 9.37 21.16 17.29
N ALA B 29 9.25 19.82 17.35
CA ALA B 29 10.28 19.04 18.02
C ALA B 29 11.63 19.18 17.33
N LEU B 30 11.64 19.22 15.99
CA LEU B 30 12.90 19.41 15.29
C LEU B 30 13.47 20.80 15.54
N GLU B 31 12.61 21.83 15.53
CA GLU B 31 13.09 23.18 15.74
C GLU B 31 13.60 23.37 17.16
N ALA B 32 13.04 22.63 18.12
CA ALA B 32 13.56 22.70 19.48
C ALA B 32 14.99 22.18 19.58
N LEU B 33 15.46 21.42 18.58
CA LEU B 33 16.87 21.02 18.52
C LEU B 33 17.73 22.04 17.80
N GLY B 34 17.18 23.18 17.37
CA GLY B 34 17.94 24.18 16.64
C GLY B 34 18.02 23.95 15.15
N ILE B 35 17.19 23.06 14.61
CA ILE B 35 17.24 22.68 13.21
C ILE B 35 16.49 23.71 12.37
N GLU B 36 16.99 23.97 11.15
CA GLU B 36 16.23 24.65 10.11
C GLU B 36 15.43 23.62 9.32
N VAL B 37 14.10 23.68 9.38
CA VAL B 37 13.22 22.65 8.82
C VAL B 37 12.71 23.08 7.43
N TRP B 38 13.00 22.29 6.42
CA TRP B 38 12.40 22.45 5.10
C TRP B 38 11.31 21.39 4.99
N GLU B 39 10.06 21.82 5.08
CA GLU B 39 8.92 20.96 5.01
C GLU B 39 8.24 21.16 3.65
N PRO B 40 8.22 20.15 2.80
CA PRO B 40 7.80 20.39 1.40
C PRO B 40 6.37 20.88 1.23
N PHE B 41 5.42 20.38 1.99
CA PHE B 41 4.06 20.87 1.81
C PHE B 41 3.94 22.35 2.16
N ALA B 42 4.69 22.80 3.18
CA ALA B 42 4.68 24.23 3.48
C ALA B 42 5.45 25.00 2.42
N ARG B 43 6.60 24.49 1.99
CA ARG B 43 7.44 25.21 1.03
C ARG B 43 6.83 25.30 -0.36
N ASN B 44 5.82 24.49 -0.67
CA ASN B 44 5.13 24.55 -1.95
C ASN B 44 3.77 25.23 -1.83
N ASN B 45 3.55 25.95 -0.74
CA ASN B 45 2.20 26.51 -0.49
C ASN B 45 1.73 27.40 -1.64
N GLN B 46 2.63 28.20 -2.20
CA GLN B 46 2.23 29.16 -3.25
C GLN B 46 2.36 28.80 -4.73
N ILE B 47 2.46 27.52 -5.06
CA ILE B 47 2.48 27.15 -6.50
C ILE B 47 1.29 27.57 -7.34
N ASP B 48 1.53 27.90 -8.60
CA ASP B 48 0.39 28.25 -9.48
C ASP B 48 -0.11 26.89 -9.93
N PHE B 49 -0.98 26.29 -9.14
CA PHE B 49 -1.58 25.05 -9.60
C PHE B 49 -2.57 25.25 -10.77
N SER B 50 -2.64 26.47 -11.31
CA SER B 50 -3.37 26.81 -12.53
C SER B 50 -2.73 26.14 -13.73
N GLN B 51 -1.43 26.03 -13.63
CA GLN B 51 -0.58 25.75 -14.74
C GLN B 51 -0.41 24.26 -14.87
N ALA B 52 -0.23 23.83 -16.11
CA ALA B 52 -0.17 22.42 -16.38
C ALA B 52 1.14 21.84 -15.90
N ASP B 53 2.22 22.61 -15.97
CA ASP B 53 3.56 22.16 -15.59
C ASP B 53 3.80 22.25 -14.10
N TRP B 54 2.75 22.49 -13.30
CA TRP B 54 2.93 22.65 -11.87
C TRP B 54 3.51 21.40 -11.24
N ALA B 55 3.10 20.22 -11.71
CA ALA B 55 3.60 19.00 -11.12
C ALA B 55 5.08 18.85 -11.38
N TYR B 56 5.53 19.18 -12.61
CA TYR B 56 6.96 19.06 -12.89
C TYR B 56 7.77 20.04 -12.06
N ARG B 57 7.28 21.27 -11.89
CA ARG B 57 8.04 22.25 -11.13
C ARG B 57 8.07 21.90 -9.65
N VAL B 58 7.00 21.30 -9.12
CA VAL B 58 7.06 20.84 -7.73
C VAL B 58 8.11 19.75 -7.61
N ALA B 59 8.18 18.86 -8.60
CA ALA B 59 9.17 17.79 -8.58
C ALA B 59 10.59 18.35 -8.65
N GLN B 60 10.80 19.37 -9.50
CA GLN B 60 12.14 19.94 -9.57
C GLN B 60 12.49 20.69 -8.30
N ALA B 61 11.52 21.41 -7.71
CA ALA B 61 11.75 22.12 -6.45
C ALA B 61 12.08 21.16 -5.31
N ASP B 62 11.32 20.06 -5.19
CA ASP B 62 11.60 19.07 -4.16
C ASP B 62 12.98 18.44 -4.39
N LEU B 63 13.33 18.19 -5.64
CA LEU B 63 14.64 17.61 -5.92
C LEU B 63 15.76 18.55 -5.48
N GLN B 64 15.60 19.86 -5.73
CA GLN B 64 16.61 20.83 -5.29
C GLN B 64 16.67 20.90 -3.76
N ASP B 65 15.52 20.85 -3.09
CA ASP B 65 15.53 20.89 -1.63
C ASP B 65 16.28 19.70 -1.06
N VAL B 66 16.09 18.51 -1.62
CA VAL B 66 16.80 17.34 -1.10
C VAL B 66 18.30 17.46 -1.37
N LYS B 67 18.69 17.96 -2.55
CA LYS B 67 20.10 18.11 -2.87
C LYS B 67 20.80 19.12 -1.99
N ASN B 68 20.05 20.05 -1.41
CA ASN B 68 20.63 21.12 -0.61
C ASN B 68 20.39 21.00 0.89
N CYS B 69 19.49 20.13 1.34
CA CYS B 69 19.44 19.76 2.77
C CYS B 69 20.78 19.24 3.30
N ASP B 70 20.97 19.31 4.62
CA ASP B 70 22.05 18.59 5.28
C ASP B 70 21.65 17.18 5.68
N GLY B 71 20.39 16.97 6.05
CA GLY B 71 19.93 15.65 6.37
C GLY B 71 18.48 15.55 6.00
N ILE B 72 18.00 14.32 5.89
CA ILE B 72 16.59 14.03 5.70
C ILE B 72 16.07 13.38 6.97
N PHE B 73 14.87 13.77 7.39
CA PHE B 73 14.10 13.15 8.45
C PHE B 73 12.86 12.63 7.75
N ALA B 74 12.82 11.31 7.52
CA ALA B 74 11.83 10.66 6.67
C ALA B 74 10.75 10.00 7.53
N VAL B 75 9.53 10.50 7.44
CA VAL B 75 8.38 9.86 8.10
C VAL B 75 8.05 8.62 7.27
N VAL B 76 8.28 7.43 7.83
CA VAL B 76 8.11 6.20 7.06
C VAL B 76 7.00 5.36 7.67
N ASN B 77 5.97 6.01 8.19
CA ASN B 77 4.75 5.32 8.59
C ASN B 77 4.02 4.75 7.36
N GLY B 78 3.08 3.85 7.62
CA GLY B 78 2.23 3.27 6.60
C GLY B 78 2.73 1.91 6.11
N THR B 79 1.83 1.16 5.48
CA THR B 79 2.23 -0.09 4.83
C THR B 79 1.80 -0.02 3.37
N PRO B 80 2.74 0.22 2.44
CA PRO B 80 4.16 0.49 2.67
C PRO B 80 4.42 1.99 2.91
N PRO B 81 5.66 2.34 3.23
CA PRO B 81 6.00 3.77 3.30
C PRO B 81 5.74 4.48 1.98
N ASP B 82 5.50 5.79 2.07
CA ASP B 82 5.09 6.58 0.91
C ASP B 82 6.17 6.57 -0.18
N GLU B 83 5.73 6.39 -1.43
CA GLU B 83 6.66 6.24 -2.54
C GLU B 83 7.40 7.54 -2.83
N GLY B 84 6.75 8.70 -2.64
CA GLY B 84 7.48 9.95 -2.81
C GLY B 84 8.53 10.14 -1.75
N VAL B 85 8.18 9.83 -0.50
CA VAL B 85 9.16 9.85 0.58
C VAL B 85 10.30 8.89 0.26
N MET B 86 9.98 7.71 -0.28
CA MET B 86 11.01 6.72 -0.59
C MET B 86 11.95 7.24 -1.67
N VAL B 87 11.41 7.87 -2.72
CA VAL B 87 12.28 8.48 -3.72
C VAL B 87 13.14 9.56 -3.06
N GLN B 88 12.56 10.35 -2.18
CA GLN B 88 13.41 11.38 -1.58
C GLN B 88 14.47 10.75 -0.66
N LEU B 89 14.13 9.66 0.04
CA LEU B 89 15.12 8.99 0.89
C LEU B 89 16.28 8.41 0.07
N GLY B 90 15.99 7.84 -1.10
CA GLY B 90 17.08 7.29 -1.91
C GLY B 90 17.96 8.37 -2.52
N MET B 91 17.37 9.50 -2.90
CA MET B 91 18.18 10.63 -3.29
C MET B 91 19.14 11.00 -2.16
N ALA B 92 18.62 11.10 -0.93
CA ALA B 92 19.46 11.53 0.19
C ALA B 92 20.58 10.52 0.45
N ILE B 93 20.29 9.23 0.35
CA ILE B 93 21.33 8.22 0.58
C ILE B 93 22.44 8.37 -0.45
N ALA B 94 22.07 8.47 -1.72
CA ALA B 94 23.07 8.53 -2.78
C ALA B 94 23.94 9.78 -2.72
N LEU B 95 23.43 10.87 -2.14
CA LEU B 95 24.18 12.12 -2.02
C LEU B 95 24.87 12.28 -0.67
N ASN B 96 24.91 11.21 0.15
CA ASN B 96 25.64 11.21 1.42
C ASN B 96 25.11 12.23 2.41
N LYS B 97 23.80 12.47 2.38
CA LYS B 97 23.17 13.28 3.41
C LYS B 97 23.06 12.48 4.71
N ALA B 98 22.94 13.20 5.82
CA ALA B 98 22.57 12.56 7.06
C ALA B 98 21.15 12.01 6.93
N ILE B 99 20.91 10.83 7.51
CA ILE B 99 19.65 10.08 7.36
C ILE B 99 19.05 9.81 8.73
N PHE B 100 17.79 10.16 8.90
CA PHE B 100 17.05 9.85 10.11
C PHE B 100 15.65 9.38 9.71
N LEU B 101 15.20 8.30 10.35
CA LEU B 101 13.92 7.68 10.02
C LEU B 101 12.96 7.79 11.19
N PHE B 102 11.68 7.96 10.88
CA PHE B 102 10.64 8.09 11.87
C PHE B 102 9.48 7.16 11.55
N ARG B 103 9.11 6.33 12.52
CA ARG B 103 8.00 5.42 12.36
C ARG B 103 7.45 5.14 13.74
N ASP B 104 6.28 5.72 14.06
CA ASP B 104 5.53 5.39 15.26
C ASP B 104 4.37 4.45 14.96
N ASP B 105 4.41 3.83 13.78
CA ASP B 105 3.49 2.79 13.37
C ASP B 105 3.94 1.47 13.98
N PHE B 106 3.06 0.78 14.71
CA PHE B 106 3.56 -0.42 15.37
C PHE B 106 3.47 -1.69 14.51
N ARG B 107 2.96 -1.62 13.29
CA ARG B 107 2.99 -2.79 12.43
C ARG B 107 4.39 -3.03 11.89
N ARG B 108 4.82 -4.29 11.91
CA ARG B 108 6.09 -4.68 11.33
C ARG B 108 5.80 -5.21 9.93
N CYS B 109 6.62 -4.82 8.93
CA CYS B 109 6.30 -5.24 7.56
C CYS B 109 7.58 -5.33 6.74
N SER B 110 8.07 -6.55 6.54
CA SER B 110 9.43 -6.74 6.03
C SER B 110 9.62 -8.19 5.61
N ASP B 111 10.74 -8.44 4.94
CA ASP B 111 11.13 -9.79 4.52
C ASP B 111 12.34 -10.31 5.29
N ASN B 112 12.78 -9.59 6.32
CA ASN B 112 14.02 -9.91 7.01
C ASN B 112 13.83 -9.66 8.50
N GLU B 113 14.62 -10.37 9.31
CA GLU B 113 14.51 -10.24 10.76
C GLU B 113 15.26 -9.04 11.31
N ARG B 114 16.24 -8.50 10.57
CA ARG B 114 17.03 -7.43 11.12
C ARG B 114 16.23 -6.13 11.18
N TYR B 115 15.52 -5.82 10.09
CA TYR B 115 14.85 -4.54 9.94
C TYR B 115 13.34 -4.68 9.97
N PRO B 116 12.64 -3.70 10.56
CA PRO B 116 11.18 -3.74 10.57
C PRO B 116 10.56 -3.33 9.25
N LEU B 117 11.35 -2.84 8.29
CA LEU B 117 10.89 -2.46 6.96
C LEU B 117 11.79 -3.07 5.90
N ASN B 118 11.40 -2.88 4.63
CA ASN B 118 12.25 -3.23 3.50
C ASN B 118 13.68 -2.74 3.72
N LEU B 119 14.65 -3.63 3.49
CA LEU B 119 16.05 -3.36 3.84
C LEU B 119 16.64 -2.17 3.07
N MET B 120 16.07 -1.79 1.93
CA MET B 120 16.65 -0.68 1.17
C MET B 120 16.58 0.63 1.97
N LEU B 121 15.56 0.78 2.82
CA LEU B 121 15.40 2.02 3.58
C LEU B 121 16.57 2.25 4.53
N PHE B 122 17.35 1.22 4.83
CA PHE B 122 18.43 1.30 5.81
C PHE B 122 19.80 1.28 5.17
N ALA B 123 19.86 1.38 3.84
CA ALA B 123 21.11 1.21 3.13
C ALA B 123 22.10 2.31 3.46
N GLY B 124 21.62 3.51 3.80
CA GLY B 124 22.46 4.63 4.16
C GLY B 124 22.77 4.73 5.64
N LEU B 125 22.35 3.75 6.44
CA LEU B 125 22.60 3.71 7.86
C LEU B 125 23.65 2.65 8.18
N PRO B 126 24.40 2.81 9.27
CA PRO B 126 25.44 1.82 9.60
C PRO B 126 24.84 0.44 9.85
N GLU B 127 25.69 -0.58 9.71
CA GLU B 127 25.25 -1.96 9.93
C GLU B 127 24.87 -2.18 11.39
N ILE B 128 25.66 -1.66 12.31
CA ILE B 128 25.44 -1.79 13.74
C ILE B 128 25.05 -0.41 14.27
N GLY B 129 23.99 -0.37 15.09
CA GLY B 129 23.56 0.88 15.69
C GLY B 129 22.61 1.72 14.84
N TRP B 130 22.04 1.14 13.78
CA TRP B 130 21.08 1.87 12.97
C TRP B 130 19.87 2.32 13.79
N GLU B 131 19.56 1.60 14.87
CA GLU B 131 18.40 1.93 15.71
C GLU B 131 18.52 3.33 16.32
N ASN B 132 19.75 3.80 16.52
CA ASN B 132 19.96 5.15 17.04
C ASN B 132 19.47 6.22 16.09
N TYR B 133 19.32 5.91 14.80
CA TYR B 133 18.79 6.84 13.82
C TYR B 133 17.32 6.64 13.56
N TYR B 134 16.68 5.72 14.28
CA TYR B 134 15.32 5.26 14.01
C TYR B 134 14.44 5.69 15.16
N TYR B 135 13.53 6.63 14.91
CA TYR B 135 12.71 7.22 15.96
C TYR B 135 11.32 6.63 15.89
N THR B 136 10.80 6.22 17.06
CA THR B 136 9.50 5.57 17.14
C THR B 136 8.45 6.38 17.90
N SER B 137 8.74 7.61 18.30
CA SER B 137 7.71 8.49 18.85
C SER B 137 8.21 9.92 18.75
N VAL B 138 7.25 10.86 18.69
CA VAL B 138 7.63 12.27 18.58
C VAL B 138 8.41 12.74 19.81
N ASP B 139 8.03 12.27 20.99
CA ASP B 139 8.76 12.72 22.18
C ASP B 139 10.18 12.14 22.25
N GLU B 140 10.52 11.17 21.41
CA GLU B 140 11.88 10.66 21.35
C GLU B 140 12.82 11.57 20.55
N ILE B 141 12.28 12.47 19.73
CA ILE B 141 13.11 13.26 18.82
C ILE B 141 14.15 14.07 19.60
N GLN B 142 13.73 14.57 20.77
CA GLN B 142 14.55 15.41 21.66
C GLN B 142 15.66 14.66 22.39
N SER B 143 15.77 13.34 22.21
CA SER B 143 16.66 12.57 23.06
C SER B 143 18.13 12.90 22.75
N HIS B 144 18.87 13.27 23.79
CA HIS B 144 20.30 13.53 23.64
C HIS B 144 21.07 12.24 23.38
N ASP B 145 20.43 11.07 23.53
CA ASP B 145 21.09 9.80 23.30
C ASP B 145 20.85 9.26 21.90
N LYS B 146 20.06 9.96 21.08
CA LYS B 146 19.79 9.51 19.71
C LYS B 146 20.60 10.34 18.71
N ALA B 147 20.57 9.85 17.46
CA ALA B 147 21.57 10.28 16.47
C ALA B 147 21.37 11.71 15.99
N LEU B 148 20.14 12.19 15.95
CA LEU B 148 19.91 13.56 15.48
C LEU B 148 20.63 14.57 16.33
N TYR B 149 20.43 14.48 17.66
CA TYR B 149 21.13 15.37 18.58
C TYR B 149 22.63 15.24 18.46
N LYS B 150 23.15 14.01 18.37
CA LYS B 150 24.59 13.80 18.31
C LYS B 150 25.16 14.42 17.04
N TRP B 151 24.43 14.29 15.95
CA TRP B 151 24.87 14.85 14.68
C TRP B 151 24.93 16.37 14.73
N LEU B 152 24.00 17.01 15.44
CA LEU B 152 24.00 18.46 15.56
C LEU B 152 25.17 18.96 16.39
N THR B 153 25.60 18.18 17.39
CA THR B 153 26.69 18.53 18.30
C THR B 153 28.04 18.01 17.82
N GLY B 154 28.31 18.06 16.52
CA GLY B 154 29.50 17.51 15.91
C GLY B 154 29.63 15.98 15.94
N MET C 1 -16.96 -36.37 -3.26
CA MET C 1 -16.27 -35.12 -3.66
C MET C 1 -17.17 -34.24 -4.54
N LYS C 2 -17.49 -33.03 -4.05
CA LYS C 2 -18.56 -32.23 -4.64
C LYS C 2 -17.99 -31.06 -5.43
N ARG C 3 -18.78 -30.59 -6.39
CA ARG C 3 -18.36 -29.53 -7.30
C ARG C 3 -18.84 -28.19 -6.76
N LYS C 4 -18.13 -27.71 -5.73
CA LYS C 4 -18.53 -26.49 -5.07
C LYS C 4 -18.03 -25.27 -5.86
N ILE C 5 -18.63 -24.12 -5.59
CA ILE C 5 -18.37 -22.90 -6.32
C ILE C 5 -17.44 -22.01 -5.50
N ILE C 6 -16.25 -21.76 -6.04
CA ILE C 6 -15.26 -20.90 -5.41
C ILE C 6 -15.21 -19.57 -6.15
N TYR C 7 -15.38 -18.48 -5.41
CA TYR C 7 -15.12 -17.14 -5.93
C TYR C 7 -13.63 -16.85 -5.76
N LEU C 8 -12.94 -16.66 -6.88
CA LEU C 8 -11.48 -16.50 -6.87
C LEU C 8 -11.14 -15.02 -6.88
N ALA C 9 -10.98 -14.44 -5.69
CA ALA C 9 -10.76 -13.01 -5.54
C ALA C 9 -9.26 -12.68 -5.60
N SER C 10 -8.88 -11.80 -6.51
CA SER C 10 -7.47 -11.50 -6.72
C SER C 10 -7.30 -10.07 -7.28
N PRO C 11 -6.13 -9.47 -7.09
CA PRO C 11 -5.78 -8.25 -7.84
C PRO C 11 -5.08 -8.52 -9.17
N TYR C 12 -5.01 -9.77 -9.62
CA TYR C 12 -4.19 -10.10 -10.78
C TYR C 12 -4.79 -9.61 -12.11
N GLY C 13 -6.05 -9.19 -12.13
CA GLY C 13 -6.62 -8.60 -13.34
C GLY C 13 -6.11 -7.21 -13.67
N PHE C 14 -5.44 -6.54 -12.72
CA PHE C 14 -5.03 -5.15 -12.91
C PHE C 14 -3.74 -5.01 -13.71
N SER C 15 -2.98 -6.09 -13.85
CA SER C 15 -1.71 -6.07 -14.58
C SER C 15 -1.80 -7.05 -15.74
N GLN C 16 -1.47 -6.57 -16.95
CA GLN C 16 -1.52 -7.42 -18.14
C GLN C 16 -0.73 -8.70 -17.96
N GLN C 17 0.54 -8.56 -17.56
CA GLN C 17 1.37 -9.74 -17.33
C GLN C 17 0.78 -10.64 -16.25
N GLN C 18 0.29 -10.04 -15.16
CA GLN C 18 -0.23 -10.86 -14.07
C GLN C 18 -1.52 -11.58 -14.49
N LYS C 19 -2.39 -10.90 -15.23
CA LYS C 19 -3.65 -11.51 -15.66
C LYS C 19 -3.42 -12.75 -16.51
N THR C 20 -2.39 -12.73 -17.36
CA THR C 20 -2.17 -13.83 -18.28
C THR C 20 -1.19 -14.88 -17.74
N LEU C 21 -0.34 -14.53 -16.78
CA LEU C 21 0.66 -15.46 -16.28
C LEU C 21 0.45 -15.94 -14.85
N LEU C 22 -0.08 -15.11 -13.95
CA LEU C 22 -0.23 -15.53 -12.57
C LEU C 22 -1.58 -16.15 -12.27
N LEU C 23 -2.65 -15.67 -12.91
CA LEU C 23 -4.01 -16.10 -12.61
C LEU C 23 -4.33 -17.48 -13.18
N PRO C 24 -4.00 -17.79 -14.44
CA PRO C 24 -4.35 -19.10 -15.01
C PRO C 24 -3.83 -20.26 -14.18
N PRO C 25 -2.60 -20.21 -13.63
CA PRO C 25 -2.16 -21.37 -12.82
C PRO C 25 -3.02 -21.61 -11.59
N ILE C 26 -3.56 -20.57 -10.99
CA ILE C 26 -4.41 -20.73 -9.81
C ILE C 26 -5.79 -21.23 -10.21
N VAL C 27 -6.33 -20.71 -11.31
CA VAL C 27 -7.59 -21.23 -11.87
C VAL C 27 -7.46 -22.73 -12.14
N ARG C 28 -6.37 -23.14 -12.80
CA ARG C 28 -6.20 -24.56 -13.15
C ARG C 28 -6.08 -25.42 -11.90
N ALA C 29 -5.31 -24.96 -10.90
CA ALA C 29 -5.16 -25.74 -9.67
C ALA C 29 -6.53 -26.00 -9.01
N LEU C 30 -7.38 -24.97 -8.95
CA LEU C 30 -8.72 -25.14 -8.38
C LEU C 30 -9.58 -26.05 -9.26
N GLU C 31 -9.47 -25.91 -10.57
CA GLU C 31 -10.30 -26.73 -11.42
C GLU C 31 -9.85 -28.19 -11.37
N ALA C 32 -8.56 -28.41 -11.10
CA ALA C 32 -8.03 -29.77 -10.93
C ALA C 32 -8.64 -30.49 -9.74
N LEU C 33 -9.21 -29.75 -8.79
CA LEU C 33 -9.95 -30.33 -7.68
C LEU C 33 -11.43 -30.50 -7.99
N GLY C 34 -11.86 -30.23 -9.22
CA GLY C 34 -13.25 -30.38 -9.56
C GLY C 34 -14.13 -29.23 -9.11
N ILE C 35 -13.54 -28.07 -8.81
CA ILE C 35 -14.25 -26.87 -8.37
C ILE C 35 -14.81 -26.12 -9.58
N GLU C 36 -15.97 -25.50 -9.41
CA GLU C 36 -16.48 -24.52 -10.36
C GLU C 36 -15.96 -23.15 -9.97
N VAL C 37 -15.05 -22.61 -10.78
CA VAL C 37 -14.33 -21.39 -10.42
C VAL C 37 -15.06 -20.19 -11.01
N TRP C 38 -15.42 -19.26 -10.13
CA TRP C 38 -15.97 -17.97 -10.55
C TRP C 38 -14.85 -16.95 -10.40
N GLU C 39 -14.22 -16.61 -11.53
CA GLU C 39 -13.13 -15.63 -11.56
C GLU C 39 -13.66 -14.31 -12.08
N PRO C 40 -13.59 -13.22 -11.30
CA PRO C 40 -14.36 -12.01 -11.66
C PRO C 40 -13.89 -11.31 -12.92
N PHE C 41 -12.58 -11.21 -13.16
CA PHE C 41 -12.10 -10.50 -14.34
C PHE C 41 -12.56 -11.17 -15.64
N ALA C 42 -12.66 -12.50 -15.64
CA ALA C 42 -13.25 -13.17 -16.80
C ALA C 42 -14.76 -13.07 -16.78
N ARG C 43 -15.39 -13.20 -15.60
CA ARG C 43 -16.84 -13.22 -15.52
C ARG C 43 -17.47 -11.89 -15.92
N ASN C 44 -16.74 -10.78 -15.77
CA ASN C 44 -17.22 -9.47 -16.17
C ASN C 44 -16.57 -8.97 -17.46
N ASN C 45 -15.92 -9.86 -18.22
CA ASN C 45 -15.30 -9.45 -19.48
C ASN C 45 -16.34 -9.12 -20.55
N GLN C 46 -17.58 -9.56 -20.37
CA GLN C 46 -18.66 -9.30 -21.31
C GLN C 46 -19.49 -8.07 -20.93
N ILE C 47 -18.95 -7.19 -20.09
CA ILE C 47 -19.65 -5.97 -19.69
C ILE C 47 -19.31 -4.86 -20.68
N ASP C 48 -20.19 -3.87 -20.77
CA ASP C 48 -20.04 -2.76 -21.69
C ASP C 48 -19.31 -1.62 -21.00
N PHE C 49 -17.98 -1.58 -21.17
CA PHE C 49 -17.18 -0.50 -20.60
C PHE C 49 -17.35 0.81 -21.34
N SER C 50 -18.06 0.79 -22.49
CA SER C 50 -18.22 2.00 -23.31
C SER C 50 -18.96 3.12 -22.57
N GLN C 51 -19.83 2.80 -21.62
CA GLN C 51 -20.65 3.78 -20.94
C GLN C 51 -20.32 3.82 -19.45
N ALA C 52 -20.67 4.94 -18.82
CA ALA C 52 -20.03 5.32 -17.55
C ALA C 52 -20.49 4.50 -16.36
N ASP C 53 -21.59 3.76 -16.46
CA ASP C 53 -22.12 3.00 -15.33
C ASP C 53 -21.47 1.63 -15.16
N TRP C 54 -20.43 1.33 -15.92
CA TRP C 54 -19.84 -0.01 -15.87
C TRP C 54 -19.26 -0.34 -14.50
N ALA C 55 -18.80 0.67 -13.76
CA ALA C 55 -18.21 0.38 -12.46
C ALA C 55 -19.27 -0.03 -11.44
N TYR C 56 -20.45 0.61 -11.47
CA TYR C 56 -21.53 0.18 -10.58
C TYR C 56 -22.04 -1.22 -10.95
N ARG C 57 -22.10 -1.52 -12.25
CA ARG C 57 -22.54 -2.85 -12.67
C ARG C 57 -21.55 -3.93 -12.25
N VAL C 58 -20.25 -3.68 -12.37
CA VAL C 58 -19.25 -4.67 -11.96
C VAL C 58 -19.26 -4.84 -10.45
N ALA C 59 -19.40 -3.73 -9.70
CA ALA C 59 -19.47 -3.85 -8.25
C ALA C 59 -20.65 -4.72 -7.84
N GLN C 60 -21.82 -4.52 -8.45
CA GLN C 60 -22.99 -5.31 -8.10
C GLN C 60 -22.82 -6.78 -8.48
N ALA C 61 -22.24 -7.06 -9.65
CA ALA C 61 -22.11 -8.46 -10.06
C ALA C 61 -21.13 -9.19 -9.16
N ASP C 62 -20.07 -8.50 -8.72
CA ASP C 62 -19.13 -9.07 -7.75
C ASP C 62 -19.82 -9.35 -6.42
N LEU C 63 -20.67 -8.43 -5.97
CA LEU C 63 -21.40 -8.63 -4.72
C LEU C 63 -22.33 -9.84 -4.81
N GLN C 64 -23.04 -9.99 -5.94
CA GLN C 64 -23.92 -11.14 -6.12
C GLN C 64 -23.14 -12.43 -6.14
N ASP C 65 -21.98 -12.43 -6.81
CA ASP C 65 -21.19 -13.65 -6.94
C ASP C 65 -20.69 -14.12 -5.58
N VAL C 66 -20.30 -13.17 -4.70
CA VAL C 66 -19.97 -13.57 -3.33
C VAL C 66 -21.21 -14.08 -2.62
N LYS C 67 -22.37 -13.45 -2.87
CA LYS C 67 -23.60 -13.91 -2.24
C LYS C 67 -23.92 -15.33 -2.64
N ASN C 68 -23.60 -15.70 -3.88
CA ASN C 68 -24.00 -17.00 -4.43
C ASN C 68 -22.90 -18.03 -4.46
N CYS C 69 -21.65 -17.67 -4.20
CA CYS C 69 -20.65 -18.73 -4.20
C CYS C 69 -20.82 -19.62 -2.97
N ASP C 70 -20.13 -20.76 -2.94
CA ASP C 70 -20.04 -21.56 -1.73
C ASP C 70 -18.88 -21.14 -0.85
N GLY C 71 -17.78 -20.73 -1.45
CA GLY C 71 -16.59 -20.36 -0.69
C GLY C 71 -15.84 -19.29 -1.46
N ILE C 72 -14.99 -18.55 -0.73
CA ILE C 72 -14.07 -17.60 -1.35
C ILE C 72 -12.66 -18.14 -1.27
N PHE C 73 -11.89 -17.94 -2.34
CA PHE C 73 -10.46 -18.22 -2.38
C PHE C 73 -9.77 -16.87 -2.64
N ALA C 74 -9.29 -16.23 -1.59
CA ALA C 74 -8.82 -14.84 -1.67
C ALA C 74 -7.31 -14.82 -1.83
N VAL C 75 -6.83 -14.28 -2.94
CA VAL C 75 -5.41 -14.05 -3.12
C VAL C 75 -5.03 -12.78 -2.37
N VAL C 76 -4.33 -12.93 -1.26
CA VAL C 76 -4.06 -11.81 -0.39
C VAL C 76 -2.56 -11.48 -0.39
N ASN C 77 -1.93 -11.62 -1.56
CA ASN C 77 -0.58 -11.11 -1.77
C ASN C 77 -0.57 -9.59 -1.78
N GLY C 78 0.62 -9.03 -1.66
CA GLY C 78 0.80 -7.59 -1.69
C GLY C 78 0.90 -7.00 -0.29
N THR C 79 1.54 -5.85 -0.20
CA THR C 79 1.60 -5.09 1.04
C THR C 79 0.97 -3.72 0.77
N PRO C 80 -0.28 -3.49 1.20
CA PRO C 80 -1.12 -4.46 1.86
C PRO C 80 -1.88 -5.32 0.84
N PRO C 81 -2.66 -6.28 1.30
CA PRO C 81 -3.57 -6.99 0.39
C PRO C 81 -4.50 -6.00 -0.31
N ASP C 82 -4.98 -6.42 -1.48
CA ASP C 82 -5.83 -5.59 -2.31
C ASP C 82 -7.14 -5.23 -1.61
N GLU C 83 -7.57 -3.97 -1.77
CA GLU C 83 -8.72 -3.49 -0.99
C GLU C 83 -10.03 -4.08 -1.50
N GLY C 84 -10.16 -4.32 -2.81
CA GLY C 84 -11.35 -4.97 -3.30
C GLY C 84 -11.46 -6.41 -2.86
N VAL C 85 -10.35 -7.14 -2.93
CA VAL C 85 -10.29 -8.47 -2.34
C VAL C 85 -10.69 -8.42 -0.88
N MET C 86 -10.23 -7.40 -0.15
CA MET C 86 -10.53 -7.32 1.27
C MET C 86 -12.01 -7.08 1.51
N VAL C 87 -12.64 -6.20 0.75
CA VAL C 87 -14.08 -6.01 0.89
C VAL C 87 -14.81 -7.31 0.61
N GLN C 88 -14.43 -8.00 -0.46
CA GLN C 88 -15.11 -9.23 -0.82
C GLN C 88 -14.90 -10.33 0.23
N LEU C 89 -13.69 -10.38 0.80
CA LEU C 89 -13.44 -11.31 1.91
C LEU C 89 -14.35 -11.01 3.10
N GLY C 90 -14.57 -9.72 3.39
CA GLY C 90 -15.47 -9.35 4.46
C GLY C 90 -16.92 -9.70 4.20
N MET C 91 -17.38 -9.49 2.95
CA MET C 91 -18.69 -9.99 2.58
C MET C 91 -18.80 -11.49 2.84
N ALA C 92 -17.82 -12.26 2.38
CA ALA C 92 -17.91 -13.72 2.49
C ALA C 92 -17.92 -14.16 3.96
N ILE C 93 -17.11 -13.52 4.81
CA ILE C 93 -17.11 -13.85 6.24
C ILE C 93 -18.50 -13.64 6.83
N ALA C 94 -19.05 -12.43 6.62
CA ALA C 94 -20.36 -12.09 7.17
C ALA C 94 -21.47 -12.94 6.59
N LEU C 95 -21.26 -13.52 5.40
CA LEU C 95 -22.26 -14.38 4.78
C LEU C 95 -22.03 -15.85 5.11
N ASN C 96 -21.07 -16.16 5.99
CA ASN C 96 -20.78 -17.52 6.40
C ASN C 96 -20.41 -18.42 5.23
N LYS C 97 -19.76 -17.84 4.23
CA LYS C 97 -19.14 -18.65 3.19
C LYS C 97 -17.88 -19.31 3.73
N ALA C 98 -17.51 -20.44 3.12
CA ALA C 98 -16.21 -21.01 3.38
C ALA C 98 -15.12 -20.01 2.98
N ILE C 99 -14.03 -20.00 3.74
CA ILE C 99 -12.98 -19.02 3.58
C ILE C 99 -11.66 -19.73 3.40
N PHE C 100 -10.95 -19.41 2.32
CA PHE C 100 -9.59 -19.90 2.08
C PHE C 100 -8.71 -18.74 1.61
N LEU C 101 -7.48 -18.69 2.09
CA LEU C 101 -6.57 -17.59 1.80
C LEU C 101 -5.31 -18.10 1.11
N PHE C 102 -4.77 -17.28 0.21
CA PHE C 102 -3.60 -17.63 -0.57
C PHE C 102 -2.59 -16.50 -0.48
N ARG C 103 -1.38 -16.83 -0.02
CA ARG C 103 -0.31 -15.82 0.01
C ARG C 103 1.01 -16.53 -0.20
N ASP C 104 1.59 -16.38 -1.40
CA ASP C 104 2.96 -16.84 -1.63
C ASP C 104 3.97 -15.70 -1.54
N ASP C 105 3.54 -14.53 -1.05
CA ASP C 105 4.45 -13.43 -0.75
C ASP C 105 5.32 -13.82 0.44
N PHE C 106 6.63 -13.60 0.33
CA PHE C 106 7.54 -13.91 1.43
C PHE C 106 7.44 -12.92 2.59
N ARG C 107 6.95 -11.70 2.34
CA ARG C 107 7.02 -10.66 3.35
C ARG C 107 5.88 -10.82 4.36
N ARG C 108 6.24 -10.88 5.64
CA ARG C 108 5.28 -10.85 6.73
C ARG C 108 4.94 -9.38 7.02
N CYS C 109 3.64 -9.09 7.17
CA CYS C 109 3.17 -7.71 7.24
C CYS C 109 1.92 -7.64 8.13
N SER C 110 2.12 -7.31 9.40
CA SER C 110 1.06 -7.60 10.37
C SER C 110 1.16 -6.74 11.63
N ASP C 111 0.02 -6.60 12.32
CA ASP C 111 -0.08 -5.94 13.62
C ASP C 111 0.33 -6.83 14.78
N ASN C 112 0.45 -8.14 14.57
CA ASN C 112 0.37 -9.11 15.64
C ASN C 112 1.29 -10.29 15.34
N GLU C 113 1.59 -11.07 16.38
CA GLU C 113 2.49 -12.20 16.25
C GLU C 113 1.79 -13.50 15.86
N ARG C 114 0.49 -13.63 16.12
CA ARG C 114 -0.21 -14.86 15.77
C ARG C 114 -0.27 -15.06 14.26
N TYR C 115 -0.72 -14.04 13.52
CA TYR C 115 -1.03 -14.13 12.09
C TYR C 115 -0.03 -13.34 11.25
N PRO C 116 0.23 -13.79 10.03
CA PRO C 116 1.17 -13.07 9.18
C PRO C 116 0.59 -11.82 8.54
N LEU C 117 -0.71 -11.58 8.66
CA LEU C 117 -1.33 -10.37 8.13
C LEU C 117 -2.23 -9.77 9.19
N ASN C 118 -2.81 -8.61 8.86
CA ASN C 118 -3.79 -7.95 9.71
C ASN C 118 -4.82 -8.96 10.22
N LEU C 119 -5.07 -8.94 11.53
CA LEU C 119 -5.86 -10.00 12.17
C LEU C 119 -7.27 -10.12 11.61
N MET C 120 -7.86 -9.04 11.06
CA MET C 120 -9.23 -9.08 10.56
C MET C 120 -9.43 -10.12 9.46
N LEU C 121 -8.38 -10.36 8.66
CA LEU C 121 -8.49 -11.29 7.55
C LEU C 121 -8.78 -12.70 8.01
N PHE C 122 -8.57 -13.00 9.28
CA PHE C 122 -8.68 -14.35 9.82
C PHE C 122 -9.89 -14.50 10.72
N ALA C 123 -10.71 -13.44 10.83
CA ALA C 123 -11.85 -13.44 11.75
C ALA C 123 -12.84 -14.54 11.43
N GLY C 124 -12.94 -14.94 10.15
CA GLY C 124 -13.81 -16.02 9.73
C GLY C 124 -13.23 -17.42 9.76
N LEU C 125 -11.99 -17.58 10.26
CA LEU C 125 -11.34 -18.89 10.35
C LEU C 125 -11.26 -19.32 11.81
N PRO C 126 -11.09 -20.61 12.10
CA PRO C 126 -11.08 -21.05 13.50
C PRO C 126 -9.91 -20.44 14.26
N GLU C 127 -10.04 -20.44 15.59
CA GLU C 127 -8.94 -19.95 16.42
C GLU C 127 -7.73 -20.87 16.33
N ILE C 128 -7.95 -22.18 16.35
CA ILE C 128 -6.92 -23.21 16.20
C ILE C 128 -7.12 -23.87 14.83
N GLY C 129 -6.02 -24.07 14.10
CA GLY C 129 -6.09 -24.75 12.82
C GLY C 129 -6.31 -23.87 11.62
N TRP C 130 -6.31 -22.54 11.79
CA TRP C 130 -6.52 -21.64 10.66
C TRP C 130 -5.46 -21.84 9.58
N GLU C 131 -4.28 -22.31 9.97
CA GLU C 131 -3.21 -22.53 8.99
C GLU C 131 -3.67 -23.46 7.87
N ASN C 132 -4.58 -24.38 8.16
CA ASN C 132 -5.01 -25.36 7.17
C ASN C 132 -5.82 -24.73 6.05
N TYR C 133 -6.33 -23.52 6.25
CA TYR C 133 -7.04 -22.74 5.25
C TYR C 133 -6.13 -21.74 4.54
N TYR C 134 -4.86 -21.68 4.91
CA TYR C 134 -3.93 -20.64 4.48
C TYR C 134 -2.88 -21.29 3.58
N TYR C 135 -2.86 -20.90 2.31
CA TYR C 135 -2.06 -21.55 1.30
C TYR C 135 -0.93 -20.63 0.87
N THR C 136 0.28 -21.17 0.81
CA THR C 136 1.46 -20.37 0.53
C THR C 136 2.17 -20.78 -0.74
N SER C 137 1.59 -21.68 -1.54
CA SER C 137 2.12 -21.95 -2.87
C SER C 137 1.03 -22.57 -3.73
N VAL C 138 1.16 -22.38 -5.05
CA VAL C 138 0.20 -22.96 -5.98
C VAL C 138 0.11 -24.48 -5.79
N ASP C 139 1.27 -25.13 -5.66
CA ASP C 139 1.34 -26.58 -5.49
C ASP C 139 0.57 -27.06 -4.25
N GLU C 140 0.54 -26.25 -3.21
CA GLU C 140 -0.10 -26.67 -1.97
C GLU C 140 -1.62 -26.76 -2.12
N ILE C 141 -2.19 -26.09 -3.12
CA ILE C 141 -3.64 -25.95 -3.24
C ILE C 141 -4.35 -27.30 -3.31
N GLN C 142 -3.71 -28.31 -3.90
CA GLN C 142 -4.33 -29.62 -4.08
C GLN C 142 -4.05 -30.60 -2.94
N SER C 143 -3.39 -30.16 -1.88
CA SER C 143 -3.06 -31.08 -0.79
C SER C 143 -4.32 -31.57 -0.08
N HIS C 144 -4.44 -32.89 0.06
CA HIS C 144 -5.60 -33.45 0.75
C HIS C 144 -5.52 -33.31 2.26
N ASP C 145 -4.40 -32.81 2.79
CA ASP C 145 -4.29 -32.55 4.22
C ASP C 145 -4.69 -31.12 4.58
N LYS C 146 -5.12 -30.31 3.61
CA LYS C 146 -5.52 -28.93 3.86
C LYS C 146 -7.01 -28.76 3.61
N ALA C 147 -7.55 -27.63 4.05
CA ALA C 147 -8.99 -27.55 4.30
C ALA C 147 -9.81 -27.54 3.03
N LEU C 148 -9.25 -27.02 1.92
CA LEU C 148 -10.03 -26.92 0.69
C LEU C 148 -10.43 -28.31 0.18
N TYR C 149 -9.46 -29.21 0.04
CA TYR C 149 -9.77 -30.58 -0.37
C TYR C 149 -10.79 -31.21 0.58
N LYS C 150 -10.60 -31.07 1.89
CA LYS C 150 -11.51 -31.70 2.83
C LYS C 150 -12.91 -31.11 2.75
N TRP C 151 -13.00 -29.80 2.50
CA TRP C 151 -14.30 -29.15 2.34
C TRP C 151 -15.08 -29.74 1.16
N LEU C 152 -14.37 -30.15 0.09
CA LEU C 152 -15.08 -30.66 -1.08
C LEU C 152 -15.69 -32.04 -0.80
N THR C 153 -15.08 -32.81 0.09
CA THR C 153 -15.59 -34.12 0.44
C THR C 153 -16.66 -34.08 1.54
N GLY C 154 -16.71 -33.01 2.33
CA GLY C 154 -17.64 -32.90 3.45
C GLY C 154 -19.11 -33.07 3.09
N LYS D 2 31.28 -3.22 -24.37
CA LYS D 2 30.45 -2.28 -25.10
C LYS D 2 29.05 -2.09 -24.52
N ARG D 3 28.38 -3.17 -24.11
CA ARG D 3 26.96 -3.09 -23.78
C ARG D 3 26.71 -2.33 -22.48
N LYS D 4 25.69 -1.47 -22.53
CA LYS D 4 25.24 -0.69 -21.38
C LYS D 4 24.59 -1.59 -20.33
N ILE D 5 24.75 -1.19 -19.07
CA ILE D 5 24.25 -1.95 -17.92
C ILE D 5 22.98 -1.32 -17.42
N ILE D 6 21.91 -2.10 -17.36
CA ILE D 6 20.62 -1.67 -16.82
C ILE D 6 20.35 -2.42 -15.52
N TYR D 7 20.04 -1.68 -14.46
CA TYR D 7 19.62 -2.28 -13.20
C TYR D 7 18.11 -2.49 -13.25
N LEU D 8 17.68 -3.74 -13.15
CA LEU D 8 16.26 -4.09 -13.27
C LEU D 8 15.66 -4.16 -11.87
N ALA D 9 15.09 -3.06 -11.42
CA ALA D 9 14.51 -2.99 -10.08
C ALA D 9 13.05 -3.38 -10.13
N SER D 10 12.65 -4.31 -9.26
CA SER D 10 11.30 -4.84 -9.29
C SER D 10 10.97 -5.41 -7.92
N PRO D 11 9.69 -5.48 -7.55
CA PRO D 11 9.27 -6.28 -6.39
C PRO D 11 9.00 -7.74 -6.72
N TYR D 12 9.35 -8.18 -7.91
CA TYR D 12 8.91 -9.48 -8.42
C TYR D 12 9.64 -10.65 -7.75
N GLY D 13 10.72 -10.40 -7.03
CA GLY D 13 11.41 -11.46 -6.29
C GLY D 13 10.74 -11.85 -4.98
N PHE D 14 9.71 -11.11 -4.56
CA PHE D 14 9.07 -11.40 -3.29
C PHE D 14 8.07 -12.56 -3.35
N SER D 15 7.62 -12.95 -4.54
CA SER D 15 6.72 -14.08 -4.69
C SER D 15 7.37 -15.11 -5.59
N GLN D 16 7.34 -16.39 -5.17
CA GLN D 16 7.95 -17.46 -5.97
C GLN D 16 7.38 -17.46 -7.38
N GLN D 17 6.07 -17.28 -7.48
CA GLN D 17 5.41 -17.32 -8.78
C GLN D 17 5.81 -16.11 -9.63
N GLN D 18 5.94 -14.93 -9.02
CA GLN D 18 6.32 -13.74 -9.78
C GLN D 18 7.77 -13.80 -10.24
N LYS D 19 8.67 -14.29 -9.37
CA LYS D 19 10.07 -14.40 -9.72
C LYS D 19 10.28 -15.32 -10.94
N THR D 20 9.58 -16.46 -10.98
CA THR D 20 9.74 -17.43 -12.06
C THR D 20 8.99 -17.03 -13.33
N LEU D 21 7.83 -16.40 -13.21
CA LEU D 21 6.99 -16.19 -14.38
C LEU D 21 7.04 -14.76 -14.91
N LEU D 22 7.17 -13.75 -14.04
CA LEU D 22 7.12 -12.38 -14.53
C LEU D 22 8.50 -11.84 -14.92
N LEU D 23 9.55 -12.17 -14.16
CA LEU D 23 10.86 -11.54 -14.40
C LEU D 23 11.53 -12.05 -15.68
N PRO D 24 11.60 -13.35 -15.96
CA PRO D 24 12.34 -13.80 -17.15
C PRO D 24 11.89 -13.10 -18.42
N PRO D 25 10.57 -12.96 -18.70
CA PRO D 25 10.19 -12.28 -19.93
C PRO D 25 10.74 -10.87 -20.04
N ILE D 26 10.84 -10.16 -18.91
CA ILE D 26 11.38 -8.80 -18.95
C ILE D 26 12.89 -8.82 -19.13
N VAL D 27 13.57 -9.74 -18.44
CA VAL D 27 15.00 -9.95 -18.65
C VAL D 27 15.27 -10.26 -20.11
N ARG D 28 14.47 -11.14 -20.71
CA ARG D 28 14.69 -11.51 -22.11
C ARG D 28 14.54 -10.31 -23.03
N ALA D 29 13.49 -9.51 -22.82
CA ALA D 29 13.27 -8.35 -23.68
C ALA D 29 14.44 -7.37 -23.58
N LEU D 30 14.97 -7.16 -22.38
CA LEU D 30 16.09 -6.23 -22.20
C LEU D 30 17.36 -6.77 -22.86
N GLU D 31 17.63 -8.06 -22.69
CA GLU D 31 18.85 -8.64 -23.27
C GLU D 31 18.79 -8.67 -24.80
N ALA D 32 17.60 -8.82 -25.39
CA ALA D 32 17.45 -8.86 -26.84
C ALA D 32 17.80 -7.54 -27.50
N LEU D 33 17.88 -6.45 -26.72
CA LEU D 33 18.38 -5.18 -27.22
C LEU D 33 19.88 -5.04 -27.07
N GLY D 34 20.57 -6.07 -26.58
CA GLY D 34 22.01 -6.00 -26.36
C GLY D 34 22.41 -5.43 -25.02
N ILE D 35 21.49 -5.31 -24.08
CA ILE D 35 21.75 -4.75 -22.75
C ILE D 35 22.26 -5.86 -21.85
N GLU D 36 23.23 -5.54 -20.99
CA GLU D 36 23.61 -6.39 -19.87
C GLU D 36 22.73 -6.06 -18.68
N VAL D 37 21.91 -7.03 -18.26
CA VAL D 37 20.89 -6.82 -17.24
C VAL D 37 21.41 -7.26 -15.88
N TRP D 38 21.37 -6.33 -14.90
CA TRP D 38 21.67 -6.64 -13.50
C TRP D 38 20.35 -6.78 -12.75
N GLU D 39 19.97 -8.02 -12.43
CA GLU D 39 18.72 -8.27 -11.73
C GLU D 39 19.03 -8.66 -10.28
N PRO D 40 18.62 -7.85 -9.29
CA PRO D 40 19.16 -8.02 -7.93
C PRO D 40 18.87 -9.38 -7.31
N PHE D 41 17.68 -9.93 -7.51
CA PHE D 41 17.36 -11.22 -6.92
C PHE D 41 18.25 -12.32 -7.46
N ALA D 42 18.61 -12.26 -8.74
CA ALA D 42 19.56 -13.21 -9.28
C ALA D 42 20.98 -12.91 -8.82
N ARG D 43 21.35 -11.63 -8.78
CA ARG D 43 22.73 -11.27 -8.46
C ARG D 43 23.11 -11.57 -7.02
N ASN D 44 22.11 -11.72 -6.14
CA ASN D 44 22.31 -12.07 -4.74
C ASN D 44 21.86 -13.50 -4.42
N ASN D 45 21.77 -14.37 -5.44
CA ASN D 45 21.35 -15.77 -5.25
C ASN D 45 22.23 -16.49 -4.26
N GLN D 46 23.51 -16.11 -4.21
CA GLN D 46 24.59 -16.81 -3.53
C GLN D 46 24.98 -16.17 -2.20
N ILE D 47 24.26 -15.14 -1.78
CA ILE D 47 24.46 -14.51 -0.47
C ILE D 47 23.97 -15.47 0.62
N ASP D 48 24.69 -15.51 1.74
CA ASP D 48 24.38 -16.45 2.82
C ASP D 48 23.16 -15.93 3.59
N PHE D 49 21.98 -16.48 3.26
CA PHE D 49 20.74 -16.05 3.90
C PHE D 49 20.51 -16.72 5.25
N SER D 50 21.40 -17.61 5.66
CA SER D 50 21.39 -18.12 7.03
C SER D 50 21.91 -17.11 8.04
N GLN D 51 22.68 -16.12 7.58
CA GLN D 51 23.33 -15.19 8.49
C GLN D 51 22.40 -14.06 8.83
N ALA D 52 22.62 -13.48 10.01
CA ALA D 52 21.73 -12.42 10.46
C ALA D 52 21.95 -11.13 9.67
N ASP D 53 23.18 -10.89 9.24
CA ASP D 53 23.53 -9.67 8.52
C ASP D 53 23.22 -9.73 7.02
N TRP D 54 22.52 -10.77 6.54
CA TRP D 54 22.26 -10.87 5.11
C TRP D 54 21.48 -9.67 4.59
N ALA D 55 20.59 -9.10 5.39
CA ALA D 55 19.82 -7.95 4.92
C ALA D 55 20.72 -6.74 4.67
N TYR D 56 21.70 -6.50 5.54
CA TYR D 56 22.60 -5.38 5.30
C TYR D 56 23.44 -5.61 4.05
N ARG D 57 23.94 -6.83 3.85
CA ARG D 57 24.82 -7.06 2.70
C ARG D 57 24.05 -6.95 1.39
N VAL D 58 22.78 -7.37 1.38
CA VAL D 58 21.98 -7.18 0.18
C VAL D 58 21.75 -5.70 -0.09
N ALA D 59 21.53 -4.91 0.97
CA ALA D 59 21.30 -3.49 0.79
C ALA D 59 22.52 -2.78 0.22
N GLN D 60 23.72 -3.12 0.71
CA GLN D 60 24.93 -2.50 0.18
C GLN D 60 25.19 -2.97 -1.25
N ALA D 61 24.94 -4.24 -1.55
CA ALA D 61 25.10 -4.74 -2.91
C ALA D 61 24.15 -4.04 -3.88
N ASP D 62 22.89 -3.86 -3.47
CA ASP D 62 21.96 -3.10 -4.30
C ASP D 62 22.41 -1.66 -4.47
N LEU D 63 22.93 -1.04 -3.40
CA LEU D 63 23.42 0.33 -3.52
C LEU D 63 24.61 0.40 -4.47
N GLN D 64 25.55 -0.53 -4.36
CA GLN D 64 26.70 -0.51 -5.25
C GLN D 64 26.28 -0.71 -6.69
N ASP D 65 25.32 -1.60 -6.93
CA ASP D 65 24.87 -1.88 -8.29
C ASP D 65 24.24 -0.64 -8.93
N VAL D 66 23.45 0.12 -8.17
CA VAL D 66 22.87 1.35 -8.74
C VAL D 66 23.97 2.37 -9.02
N LYS D 67 24.99 2.43 -8.15
CA LYS D 67 26.09 3.34 -8.36
C LYS D 67 26.88 2.98 -9.61
N ASN D 68 26.89 1.70 -10.00
CA ASN D 68 27.70 1.24 -11.12
C ASN D 68 26.91 0.88 -12.37
N CYS D 69 25.61 0.67 -12.28
CA CYS D 69 24.77 0.61 -13.49
C CYS D 69 24.89 1.89 -14.32
N ASP D 70 24.53 1.77 -15.61
CA ASP D 70 24.30 2.93 -16.47
C ASP D 70 22.87 3.46 -16.44
N GLY D 71 21.89 2.59 -16.26
CA GLY D 71 20.52 3.04 -16.17
C GLY D 71 19.76 2.11 -15.26
N ILE D 72 18.59 2.59 -14.81
CA ILE D 72 17.67 1.79 -14.00
C ILE D 72 16.41 1.55 -14.84
N PHE D 73 15.91 0.33 -14.76
CA PHE D 73 14.64 -0.06 -15.35
C PHE D 73 13.76 -0.50 -14.19
N ALA D 74 12.87 0.38 -13.76
CA ALA D 74 12.14 0.22 -12.52
C ALA D 74 10.71 -0.23 -12.80
N VAL D 75 10.37 -1.43 -12.33
CA VAL D 75 9.00 -1.92 -12.39
C VAL D 75 8.21 -1.20 -11.29
N VAL D 76 7.27 -0.34 -11.70
CA VAL D 76 6.56 0.50 -10.75
C VAL D 76 5.07 0.14 -10.76
N ASN D 77 4.77 -1.15 -10.94
CA ASN D 77 3.41 -1.64 -10.75
C ASN D 77 3.02 -1.59 -9.28
N GLY D 78 1.71 -1.66 -9.03
CA GLY D 78 1.15 -1.68 -7.70
C GLY D 78 0.66 -0.31 -7.23
N THR D 79 -0.19 -0.33 -6.21
CA THR D 79 -0.65 0.89 -5.55
C THR D 79 -0.32 0.79 -4.06
N PRO D 80 0.76 1.44 -3.59
CA PRO D 80 1.68 2.21 -4.41
C PRO D 80 2.82 1.32 -4.96
N PRO D 81 3.71 1.88 -5.78
CA PRO D 81 4.91 1.13 -6.18
C PRO D 81 5.73 0.70 -4.96
N ASP D 82 6.50 -0.36 -5.15
CA ASP D 82 7.31 -0.95 -4.08
C ASP D 82 8.33 0.06 -3.52
N GLU D 83 8.48 0.04 -2.19
CA GLU D 83 9.28 1.06 -1.50
C GLU D 83 10.79 0.90 -1.76
N GLY D 84 11.26 -0.34 -1.86
CA GLY D 84 12.66 -0.57 -2.18
C GLY D 84 12.98 -0.15 -3.61
N VAL D 85 12.06 -0.45 -4.54
CA VAL D 85 12.22 0.07 -5.88
C VAL D 85 12.29 1.58 -5.85
N MET D 86 11.42 2.21 -5.05
CA MET D 86 11.37 3.66 -5.00
C MET D 86 12.66 4.25 -4.46
N VAL D 87 13.24 3.63 -3.42
CA VAL D 87 14.53 4.09 -2.92
C VAL D 87 15.60 3.97 -4.01
N GLN D 88 15.60 2.85 -4.73
CA GLN D 88 16.61 2.64 -5.76
C GLN D 88 16.43 3.59 -6.93
N LEU D 89 15.19 3.90 -7.31
CA LEU D 89 14.94 4.88 -8.37
C LEU D 89 15.48 6.24 -7.97
N GLY D 90 15.50 6.49 -6.68
CA GLY D 90 15.92 7.76 -6.14
C GLY D 90 17.42 7.91 -6.17
N MET D 91 18.13 6.92 -5.64
CA MET D 91 19.56 6.81 -5.87
C MET D 91 19.87 7.08 -7.34
N ALA D 92 19.15 6.42 -8.25
CA ALA D 92 19.46 6.55 -9.68
C ALA D 92 19.26 7.97 -10.17
N ILE D 93 18.18 8.62 -9.74
CA ILE D 93 17.94 10.00 -10.15
C ILE D 93 19.05 10.91 -9.62
N ALA D 94 19.42 10.74 -8.35
CA ALA D 94 20.44 11.59 -7.75
C ALA D 94 21.81 11.40 -8.39
N LEU D 95 22.06 10.22 -8.96
CA LEU D 95 23.34 9.88 -9.57
C LEU D 95 23.38 10.09 -11.08
N ASN D 96 22.34 10.72 -11.66
CA ASN D 96 22.30 11.04 -13.09
C ASN D 96 22.36 9.80 -13.96
N LYS D 97 21.82 8.69 -13.47
CA LYS D 97 21.66 7.51 -14.31
C LYS D 97 20.48 7.71 -15.26
N ALA D 98 20.53 7.01 -16.39
CA ALA D 98 19.37 6.97 -17.27
C ALA D 98 18.25 6.26 -16.54
N ILE D 99 17.02 6.74 -16.73
CA ILE D 99 15.88 6.22 -16.00
C ILE D 99 14.79 5.82 -16.98
N PHE D 100 14.28 4.60 -16.83
CA PHE D 100 13.18 4.08 -17.61
C PHE D 100 12.19 3.41 -16.64
N LEU D 101 10.91 3.68 -16.83
CA LEU D 101 9.86 3.17 -15.95
C LEU D 101 8.94 2.22 -16.70
N PHE D 102 8.46 1.19 -16.00
CA PHE D 102 7.56 0.19 -16.56
C PHE D 102 6.36 0.03 -15.65
N ARG D 103 5.16 0.17 -16.22
CA ARG D 103 3.92 0.01 -15.45
C ARG D 103 2.84 -0.49 -16.41
N ASP D 104 2.50 -1.79 -16.32
CA ASP D 104 1.37 -2.35 -17.04
C ASP D 104 0.15 -2.50 -16.12
N ASP D 105 0.14 -1.79 -15.00
CA ASP D 105 -0.99 -1.71 -14.09
C ASP D 105 -1.94 -0.66 -14.62
N PHE D 106 -3.21 -1.02 -14.85
CA PHE D 106 -4.11 -0.09 -15.50
C PHE D 106 -4.79 0.87 -14.50
N ARG D 107 -4.56 0.70 -13.20
CA ARG D 107 -5.07 1.65 -12.23
C ARG D 107 -4.21 2.92 -12.22
N ARG D 108 -4.88 4.06 -12.17
CA ARG D 108 -4.21 5.36 -12.04
C ARG D 108 -4.16 5.67 -10.55
N CYS D 109 -3.03 6.14 -10.05
CA CYS D 109 -2.91 6.38 -8.60
C CYS D 109 -1.88 7.47 -8.39
N SER D 110 -2.36 8.69 -8.12
CA SER D 110 -1.48 9.84 -8.24
C SER D 110 -2.08 11.06 -7.55
N ASP D 111 -1.27 12.11 -7.44
CA ASP D 111 -1.66 13.37 -6.84
C ASP D 111 -1.80 14.51 -7.85
N ASN D 112 -1.66 14.22 -9.14
CA ASN D 112 -1.61 15.24 -10.19
C ASN D 112 -2.20 14.68 -11.47
N GLU D 113 -2.61 15.58 -12.37
CA GLU D 113 -3.18 15.18 -13.65
C GLU D 113 -2.13 14.95 -14.73
N ARG D 114 -0.90 15.47 -14.57
CA ARG D 114 0.09 15.34 -15.63
C ARG D 114 0.61 13.91 -15.73
N TYR D 115 0.97 13.31 -14.58
CA TYR D 115 1.62 12.03 -14.45
C TYR D 115 0.68 10.99 -13.85
N PRO D 116 0.81 9.72 -14.26
CA PRO D 116 -0.04 8.67 -13.69
C PRO D 116 0.32 8.23 -12.28
N LEU D 117 1.48 8.63 -11.77
CA LEU D 117 1.92 8.32 -10.41
C LEU D 117 2.40 9.60 -9.73
N ASN D 118 2.75 9.46 -8.45
CA ASN D 118 3.40 10.53 -7.68
C ASN D 118 4.50 11.20 -8.51
N LEU D 119 4.48 12.53 -8.54
CA LEU D 119 5.36 13.29 -9.43
C LEU D 119 6.85 13.08 -9.14
N MET D 120 7.21 12.64 -7.93
CA MET D 120 8.62 12.42 -7.60
C MET D 120 9.25 11.36 -8.49
N LEU D 121 8.46 10.37 -8.93
CA LEU D 121 8.98 9.31 -9.79
C LEU D 121 9.44 9.83 -11.13
N PHE D 122 8.98 11.01 -11.52
CA PHE D 122 9.26 11.57 -12.84
C PHE D 122 10.27 12.72 -12.75
N ALA D 123 10.85 12.91 -11.57
CA ALA D 123 11.77 14.01 -11.32
C ALA D 123 13.03 13.91 -12.17
N GLY D 124 13.47 12.70 -12.48
CA GLY D 124 14.65 12.46 -13.29
C GLY D 124 14.42 12.34 -14.78
N LEU D 125 13.20 12.58 -15.24
CA LEU D 125 12.81 12.54 -16.64
C LEU D 125 12.52 13.95 -17.15
N PRO D 126 12.65 14.19 -18.46
CA PRO D 126 12.40 15.53 -18.99
C PRO D 126 10.95 15.96 -18.75
N GLU D 127 10.75 17.29 -18.80
CA GLU D 127 9.41 17.85 -18.66
C GLU D 127 8.52 17.43 -19.81
N ILE D 128 9.05 17.47 -21.04
CA ILE D 128 8.31 17.11 -22.24
C ILE D 128 8.91 15.83 -22.80
N GLY D 129 8.06 14.88 -23.17
CA GLY D 129 8.53 13.62 -23.72
C GLY D 129 8.90 12.56 -22.71
N TRP D 130 8.53 12.72 -21.43
CA TRP D 130 8.80 11.69 -20.44
C TRP D 130 8.07 10.40 -20.78
N GLU D 131 6.95 10.49 -21.51
CA GLU D 131 6.18 9.31 -21.86
C GLU D 131 6.98 8.34 -22.73
N ASN D 132 7.97 8.85 -23.49
CA ASN D 132 8.81 7.98 -24.30
C ASN D 132 9.67 7.05 -23.46
N TYR D 133 9.83 7.36 -22.17
CA TYR D 133 10.58 6.56 -21.22
C TYR D 133 9.69 5.66 -20.38
N TYR D 134 8.38 5.69 -20.63
CA TYR D 134 7.38 5.05 -19.80
C TYR D 134 6.73 3.94 -20.60
N TYR D 135 6.99 2.70 -20.20
CA TYR D 135 6.54 1.51 -20.91
C TYR D 135 5.37 0.89 -20.16
N THR D 136 4.34 0.49 -20.91
CA THR D 136 3.12 -0.07 -20.34
C THR D 136 2.88 -1.52 -20.74
N SER D 137 3.85 -2.17 -21.39
CA SER D 137 3.70 -3.58 -21.72
C SER D 137 5.07 -4.17 -21.99
N VAL D 138 5.20 -5.48 -21.74
CA VAL D 138 6.48 -6.15 -21.93
C VAL D 138 6.91 -6.11 -23.40
N ASP D 139 5.96 -6.30 -24.32
CA ASP D 139 6.33 -6.30 -25.74
C ASP D 139 6.67 -4.90 -26.26
N GLU D 140 6.35 -3.84 -25.52
CA GLU D 140 6.73 -2.50 -25.91
C GLU D 140 8.21 -2.21 -25.65
N ILE D 141 8.89 -3.05 -24.85
CA ILE D 141 10.26 -2.76 -24.40
C ILE D 141 11.22 -2.63 -25.59
N GLN D 142 11.18 -3.58 -26.51
CA GLN D 142 12.02 -3.55 -27.71
C GLN D 142 11.51 -2.58 -28.85
N SER D 143 10.61 -1.64 -28.57
CA SER D 143 10.12 -0.69 -29.59
C SER D 143 11.23 0.29 -29.99
N HIS D 144 11.48 0.43 -31.29
CA HIS D 144 12.52 1.35 -31.76
C HIS D 144 12.14 2.81 -31.59
N ASP D 145 10.89 3.13 -31.26
CA ASP D 145 10.47 4.52 -31.13
C ASP D 145 10.53 5.02 -29.69
N LYS D 146 10.90 4.17 -28.75
CA LYS D 146 10.94 4.56 -27.35
C LYS D 146 12.37 4.73 -26.86
N ALA D 147 12.51 5.26 -25.64
CA ALA D 147 13.78 5.84 -25.22
C ALA D 147 14.86 4.79 -24.98
N LEU D 148 14.50 3.56 -24.61
CA LEU D 148 15.50 2.53 -24.35
C LEU D 148 16.34 2.24 -25.58
N TYR D 149 15.68 1.99 -26.72
CA TYR D 149 16.42 1.70 -27.94
C TYR D 149 17.28 2.89 -28.35
N LYS D 150 16.73 4.10 -28.28
CA LYS D 150 17.48 5.28 -28.68
C LYS D 150 18.71 5.48 -27.78
N TRP D 151 18.55 5.20 -26.50
CA TRP D 151 19.63 5.38 -25.53
C TRP D 151 20.82 4.47 -25.84
N LEU D 152 20.57 3.27 -26.37
CA LEU D 152 21.66 2.38 -26.73
C LEU D 152 22.44 2.89 -27.94
N THR D 153 21.74 3.50 -28.89
CA THR D 153 22.31 3.98 -30.15
C THR D 153 22.70 5.45 -30.11
N GLY D 154 23.18 5.93 -28.96
CA GLY D 154 23.48 7.34 -28.78
C GLY D 154 22.26 8.24 -28.81
O5' CFB E . -7.07 -2.43 10.17
C5' CFB E . -7.75 -1.62 11.13
C4' CFB E . -9.23 -1.97 11.14
O4' CFB E . -9.36 -3.38 11.41
C3' CFB E . -10.02 -1.24 12.23
O3' CFB E . -11.31 -0.86 11.79
C2' CFB E . -10.14 -2.29 13.32
F CFB E . -9.42 -1.82 14.36
C1' CFB E . -9.48 -3.57 12.80
N9 CFB E . -8.20 -3.98 13.42
C8 CFB E . -7.06 -4.46 12.77
N7 CFB E . -6.06 -4.70 13.61
C5 CFB E . -6.55 -4.35 14.86
C4 CFB E . -7.85 -3.92 14.75
N3 CFB E . -8.65 -3.49 15.75
C2 CFB E . -8.01 -3.56 16.90
CL CFB E . -8.95 -3.04 18.28
N1 CFB E . -6.77 -3.95 17.19
C6 CFB E . -5.99 -4.37 16.16
N6 CFB E . -4.74 -4.77 16.43
O5' CFB F . 4.94 11.92 -1.66
C5' CFB F . 5.12 12.95 -0.70
C4' CFB F . 6.58 13.33 -0.62
O4' CFB F . 7.03 13.73 -1.93
C3' CFB F . 6.87 14.52 0.31
O3' CFB F . 8.05 14.34 1.05
C2' CFB F . 6.94 15.70 -0.67
F CFB F . 5.86 16.49 -0.46
C1' CFB F . 6.84 15.13 -2.08
N9 CFB F . 5.62 15.38 -2.89
C8 CFB F . 5.03 14.46 -3.75
N7 CFB F . 3.94 14.93 -4.35
C5 CFB F . 3.79 16.21 -3.85
C4 CFB F . 4.82 16.51 -2.97
N3 CFB F . 4.98 17.66 -2.30
C2 CFB F . 4.01 18.51 -2.60
CL CFB F . 4.11 20.06 -1.80
N1 CFB F . 2.97 18.39 -3.42
C6 CFB F . 2.82 17.22 -4.08
N6 CFB F . 1.79 17.08 -4.91
MG MG G . 23.63 31.78 14.62
MG MG H . 18.08 18.99 24.74
O5' CFB I . -9.86 -5.30 -6.25
C5' CFB I . -10.07 -6.48 -7.01
C4' CFB I . -11.17 -7.31 -6.40
O4' CFB I . -12.41 -6.57 -6.44
C3' CFB I . -11.45 -8.62 -7.16
O3' CFB I . -11.74 -9.70 -6.31
C2' CFB I . -12.63 -8.25 -8.05
F CFB I . -12.20 -8.28 -9.33
C1' CFB I . -13.08 -6.83 -7.67
N9 CFB I . -12.84 -5.74 -8.63
C8 CFB I . -12.32 -4.48 -8.36
N7 CFB I . -12.22 -3.72 -9.45
C5 CFB I . -12.68 -4.52 -10.48
C4 CFB I . -13.07 -5.75 -10.00
N3 CFB I . -13.57 -6.78 -10.71
C2 CFB I . -13.65 -6.44 -11.99
CL CFB I . -14.29 -7.69 -13.03
N1 CFB I . -13.33 -5.32 -12.62
C6 CFB I . -12.83 -4.30 -11.88
N6 CFB I . -12.49 -3.16 -12.49
O5' CFB J . 12.03 -3.88 -2.91
C5' CFB J . 12.47 -4.49 -4.10
C4' CFB J . 13.66 -3.75 -4.66
O4' CFB J . 14.55 -3.43 -3.59
C3' CFB J . 14.46 -4.57 -5.69
O3' CFB J . 14.75 -3.83 -6.85
C2' CFB J . 15.72 -4.95 -4.94
F CFB J . 15.74 -6.29 -4.77
C1' CFB J . 15.62 -4.37 -3.53
N9 CFB J . 15.37 -5.38 -2.51
C8 CFB J . 14.50 -5.27 -1.44
N7 CFB J . 14.47 -6.34 -0.68
C5 CFB J . 15.36 -7.21 -1.28
C4 CFB J . 15.92 -6.63 -2.40
N3 CFB J . 16.82 -7.20 -3.22
C2 CFB J . 17.11 -8.42 -2.81
CL CFB J . 18.29 -9.27 -3.79
N1 CFB J . 16.68 -9.11 -1.77
C6 CFB J . 15.77 -8.52 -0.96
N6 CFB J . 15.32 -9.20 0.09
#